data_4JO4
#
_entry.id   4JO4
#
_cell.length_a   70.649
_cell.length_b   119.690
_cell.length_c   135.337
_cell.angle_alpha   90.00
_cell.angle_beta   90.00
_cell.angle_gamma   90.00
#
_symmetry.space_group_name_H-M   'P 21 21 21'
#
loop_
_entity.id
_entity.type
_entity.pdbx_description
1 polymer 'monoclonal anti-HIV-1 gp120 V3 antibody R20 light chain'
2 polymer 'monoclonal anti-HIV-1 gp120 V3 antibody R20 heavy chain'
3 non-polymer 'PENTAETHYLENE GLYCOL'
4 non-polymer 'SULFATE ION'
5 water water
#
loop_
_entity_poly.entity_id
_entity_poly.type
_entity_poly.pdbx_seq_one_letter_code
_entity_poly.pdbx_strand_id
1 'polypeptide(L)'
;DIVMTQTPASVSAAVGGTVTINCQASETISNYLAWYQQKPGQPPKLLIYKASTLASGVSSRFKGSGSGTEYTLTISGVQC
DDAATYYCQQGYSISDIDNSFGGGTEVVVKGDPVAPTVLIFPPAADQVATGTVTIVCVANKYFPDVTVTWEVDGTTQTTG
IENSKTPQNSADCTYNLSSTLTLTSTQYNSHKEYTCKVTQGTTSVVQSFNRGDC
;
L,M
2 'polypeptide(L)'
;QSLEESGGDLVKPGASLTLTCTASGFSFTNNYYMCWVRQAPGKGLEWIACIYGGGRDIVFYATWAKGRFTISKTSSTTVT
LQMTSLTAADTATYFCARENFDAVGVGGGTYSTDYYFDLWGPGTLVIVSSGQPKAPSVFPLAPCCGDTPSATVTLGCLVK
GYLPEPVTVTWNSGTLTNGVRTFPSVRQSSGLYSLSSVVSVTSSSQPVTCNVAHPATNTKVDKTVAP
;
H,I
#
# COMPACT_ATOMS: atom_id res chain seq x y z
N ASP A 1 -2.63 18.91 -25.42
CA ASP A 1 -2.46 18.49 -26.82
C ASP A 1 -3.11 17.13 -27.06
N ILE A 2 -2.61 16.10 -26.40
CA ILE A 2 -3.39 14.90 -26.18
C ILE A 2 -4.06 15.21 -24.88
N VAL A 3 -5.35 15.49 -24.89
CA VAL A 3 -6.01 15.80 -23.64
C VAL A 3 -6.84 14.63 -23.13
N MET A 4 -6.70 14.38 -21.83
CA MET A 4 -7.33 13.26 -21.16
C MET A 4 -8.46 13.77 -20.27
N THR A 5 -9.63 13.15 -20.42
CA THR A 5 -10.83 13.62 -19.77
C THR A 5 -11.42 12.48 -18.96
N GLN A 6 -11.53 12.66 -17.65
CA GLN A 6 -12.16 11.64 -16.81
C GLN A 6 -13.57 12.04 -16.44
N THR A 7 -14.48 11.07 -16.45
CA THR A 7 -15.84 11.27 -16.01
C THR A 7 -16.28 10.04 -15.22
N PRO A 8 -17.22 10.22 -14.29
CA PRO A 8 -17.64 11.57 -13.89
C PRO A 8 -16.57 12.12 -12.98
N ALA A 9 -16.76 13.32 -12.44
CA ALA A 9 -15.79 13.89 -11.52
C ALA A 9 -15.85 13.19 -10.17
N SER A 10 -16.99 12.58 -9.89
CA SER A 10 -17.15 11.87 -8.63
C SER A 10 -18.14 10.75 -8.81
N VAL A 11 -17.99 9.71 -8.00
CA VAL A 11 -18.79 8.51 -8.13
C VAL A 11 -18.94 7.84 -6.76
N SER A 12 -20.05 7.16 -6.56
CA SER A 12 -20.38 6.59 -5.27
C SER A 12 -20.73 5.12 -5.42
N ALA A 13 -20.51 4.35 -4.36
CA ALA A 13 -20.86 2.94 -4.37
C ALA A 13 -20.95 2.39 -2.96
N ALA A 14 -21.93 1.52 -2.73
CA ALA A 14 -22.08 0.90 -1.42
C ALA A 14 -20.92 -0.05 -1.17
N VAL A 15 -20.58 -0.23 0.11
CA VAL A 15 -19.57 -1.21 0.46
C VAL A 15 -19.92 -2.53 -0.22
N GLY A 16 -18.92 -3.29 -0.62
CA GLY A 16 -19.16 -4.53 -1.32
C GLY A 16 -19.58 -4.32 -2.78
N GLY A 17 -20.01 -3.10 -3.10
CA GLY A 17 -20.39 -2.77 -4.46
C GLY A 17 -19.22 -2.71 -5.45
N THR A 18 -19.52 -2.25 -6.66
CA THR A 18 -18.48 -2.06 -7.66
C THR A 18 -18.71 -0.74 -8.37
N VAL A 19 -17.63 -0.01 -8.61
CA VAL A 19 -17.71 1.30 -9.22
C VAL A 19 -16.83 1.35 -10.48
N THR A 20 -17.24 2.09 -11.49
CA THR A 20 -16.42 2.22 -12.67
C THR A 20 -16.13 3.69 -12.99
N ILE A 21 -14.94 3.94 -13.52
CA ILE A 21 -14.44 5.28 -13.76
C ILE A 21 -13.98 5.28 -15.19
N ASN A 22 -14.22 6.37 -15.90
CA ASN A 22 -13.84 6.43 -17.30
C ASN A 22 -12.73 7.43 -17.60
N CYS A 23 -11.98 7.13 -18.64
CA CYS A 23 -10.91 7.99 -19.09
C CYS A 23 -10.99 8.08 -20.60
N GLN A 24 -11.17 9.28 -21.12
CA GLN A 24 -11.20 9.47 -22.57
C GLN A 24 -9.97 10.21 -23.06
N ALA A 25 -9.33 9.70 -24.11
CA ALA A 25 -8.24 10.43 -24.74
C ALA A 25 -8.73 11.07 -26.02
N SER A 26 -8.14 12.22 -26.35
CA SER A 26 -8.56 12.99 -27.51
C SER A 26 -7.95 12.43 -28.79
N GLU A 27 -7.21 11.34 -28.66
CA GLU A 27 -6.68 10.64 -29.83
C GLU A 27 -6.03 9.35 -29.34
N THR A 28 -6.00 8.31 -30.17
CA THR A 28 -5.50 7.04 -29.68
C THR A 28 -4.14 7.21 -29.01
N ILE A 29 -3.95 6.46 -27.95
CA ILE A 29 -2.70 6.46 -27.20
C ILE A 29 -2.17 5.03 -27.18
N SER A 30 -2.56 4.26 -28.19
CA SER A 30 -2.22 2.85 -28.33
C SER A 30 -2.11 2.09 -27.00
N ASN A 31 -3.17 2.18 -26.21
CA ASN A 31 -3.28 1.49 -24.94
C ASN A 31 -2.21 1.82 -23.87
N TYR A 32 -1.52 2.94 -24.02
CA TYR A 32 -0.57 3.38 -23.00
C TYR A 32 -1.29 4.26 -21.97
N LEU A 33 -1.96 3.61 -21.03
CA LEU A 33 -2.84 4.29 -20.09
C LEU A 33 -2.58 3.71 -18.71
N ALA A 34 -2.25 4.57 -17.75
CA ALA A 34 -2.04 4.10 -16.38
C ALA A 34 -3.09 4.68 -15.45
N TRP A 35 -3.36 3.96 -14.36
CA TRP A 35 -4.28 4.42 -13.32
C TRP A 35 -3.54 4.52 -11.99
N TYR A 36 -3.77 5.61 -11.26
CA TYR A 36 -3.16 5.79 -9.94
C TYR A 36 -4.26 6.02 -8.89
N GLN A 37 -3.95 5.63 -7.66
CA GLN A 37 -4.80 5.96 -6.53
C GLN A 37 -4.08 6.98 -5.69
N GLN A 38 -4.80 7.96 -5.16
CA GLN A 38 -4.15 8.91 -4.26
C GLN A 38 -5.02 9.26 -3.07
N LYS A 39 -4.48 9.05 -1.88
CA LYS A 39 -5.14 9.50 -0.65
C LYS A 39 -4.49 10.78 -0.14
N PRO A 40 -5.24 11.58 0.63
CA PRO A 40 -4.74 12.89 1.09
C PRO A 40 -3.39 12.76 1.77
N GLY A 41 -2.51 13.73 1.53
CA GLY A 41 -1.19 13.75 2.15
C GLY A 41 -0.21 12.72 1.61
N GLN A 42 -0.57 12.01 0.55
CA GLN A 42 0.33 11.02 -0.01
C GLN A 42 0.55 11.24 -1.49
N PRO A 43 1.67 10.72 -2.01
CA PRO A 43 1.91 10.68 -3.45
C PRO A 43 0.98 9.64 -4.05
N PRO A 44 0.70 9.74 -5.35
CA PRO A 44 -0.14 8.75 -6.04
C PRO A 44 0.52 7.40 -5.98
N LYS A 45 -0.26 6.32 -6.02
CA LYS A 45 0.34 5.00 -6.18
C LYS A 45 -0.18 4.30 -7.43
N LEU A 46 0.73 3.63 -8.12
CA LEU A 46 0.40 2.94 -9.37
C LEU A 46 -0.49 1.73 -9.13
N LEU A 47 -1.58 1.63 -9.89
CA LEU A 47 -2.47 0.48 -9.86
C LEU A 47 -2.32 -0.38 -11.11
N ILE A 48 -2.27 0.30 -12.25
CA ILE A 48 -2.38 -0.33 -13.55
C ILE A 48 -1.59 0.45 -14.58
N TYR A 49 -0.89 -0.28 -15.45
CA TYR A 49 -0.28 0.32 -16.63
C TYR A 49 -0.62 -0.47 -17.89
N LYS A 50 -0.44 0.15 -19.05
CA LYS A 50 -0.82 -0.45 -20.31
C LYS A 50 -2.29 -0.82 -20.32
N ALA A 51 -3.10 -0.01 -19.64
CA ALA A 51 -4.57 -0.12 -19.68
C ALA A 51 -5.14 -1.22 -18.80
N SER A 52 -4.46 -2.36 -18.72
CA SER A 52 -5.07 -3.52 -18.08
C SER A 52 -4.09 -4.39 -17.29
N THR A 53 -2.82 -4.02 -17.25
CA THR A 53 -1.84 -4.79 -16.49
C THR A 53 -1.74 -4.30 -15.05
N LEU A 54 -2.00 -5.20 -14.12
CA LEU A 54 -1.97 -4.88 -12.68
C LEU A 54 -0.55 -4.65 -12.24
N ALA A 55 -0.29 -3.57 -11.52
CA ALA A 55 1.04 -3.30 -11.00
C ALA A 55 1.38 -4.37 -9.96
N SER A 56 2.67 -4.68 -9.85
CA SER A 56 3.13 -5.66 -8.88
C SER A 56 2.62 -5.27 -7.50
N GLY A 57 1.77 -6.11 -6.93
CA GLY A 57 1.35 -5.94 -5.55
C GLY A 57 -0.10 -5.52 -5.37
N VAL A 58 -0.68 -4.91 -6.39
CA VAL A 58 -2.03 -4.38 -6.22
C VAL A 58 -3.12 -5.43 -6.35
N SER A 59 -4.18 -5.23 -5.58
CA SER A 59 -5.30 -6.14 -5.49
C SER A 59 -5.97 -6.37 -6.83
N SER A 60 -6.35 -7.62 -7.09
CA SER A 60 -7.01 -7.95 -8.34
C SER A 60 -8.43 -7.40 -8.38
N ARG A 61 -8.84 -6.70 -7.32
CA ARG A 61 -10.15 -6.04 -7.32
C ARG A 61 -10.18 -4.88 -8.31
N PHE A 62 -9.00 -4.43 -8.72
CA PHE A 62 -8.87 -3.31 -9.66
C PHE A 62 -8.69 -3.85 -11.08
N LYS A 63 -9.62 -3.50 -11.97
CA LYS A 63 -9.57 -3.94 -13.36
C LYS A 63 -9.55 -2.76 -14.31
N GLY A 64 -8.52 -2.69 -15.14
CA GLY A 64 -8.46 -1.72 -16.20
C GLY A 64 -8.84 -2.39 -17.50
N SER A 65 -9.53 -1.65 -18.35
CA SER A 65 -9.87 -2.15 -19.67
C SER A 65 -9.99 -0.96 -20.60
N GLY A 66 -10.22 -1.25 -21.88
CA GLY A 66 -10.42 -0.22 -22.88
C GLY A 66 -9.36 -0.24 -23.95
N SER A 67 -9.59 0.53 -25.02
CA SER A 67 -8.65 0.62 -26.13
C SER A 67 -8.93 1.85 -26.98
N GLY A 68 -7.98 2.24 -27.80
CA GLY A 68 -8.15 3.42 -28.63
C GLY A 68 -8.18 4.68 -27.77
N THR A 69 -9.36 5.27 -27.64
CA THR A 69 -9.54 6.49 -26.86
C THR A 69 -10.49 6.37 -25.66
N GLU A 70 -10.89 5.16 -25.31
CA GLU A 70 -11.84 4.95 -24.21
C GLU A 70 -11.37 3.90 -23.21
N TYR A 71 -11.17 4.31 -21.96
CA TYR A 71 -10.60 3.41 -20.96
C TYR A 71 -11.41 3.45 -19.69
N THR A 72 -11.29 2.37 -18.92
CA THR A 72 -12.12 2.21 -17.76
C THR A 72 -11.32 1.61 -16.62
N LEU A 73 -11.61 2.06 -15.41
CA LEU A 73 -11.09 1.41 -14.23
C LEU A 73 -12.31 0.92 -13.47
N THR A 74 -12.29 -0.34 -13.06
CA THR A 74 -13.38 -0.91 -12.31
C THR A 74 -12.85 -1.37 -10.97
N ILE A 75 -13.58 -1.05 -9.91
CA ILE A 75 -13.22 -1.52 -8.59
C ILE A 75 -14.34 -2.40 -8.09
N SER A 76 -13.98 -3.62 -7.66
CA SER A 76 -14.94 -4.57 -7.14
C SER A 76 -14.85 -4.71 -5.63
N GLY A 77 -15.91 -5.19 -5.00
CA GLY A 77 -15.90 -5.44 -3.58
C GLY A 77 -15.46 -4.18 -2.86
N VAL A 78 -16.02 -3.06 -3.29
CA VAL A 78 -15.63 -1.75 -2.78
C VAL A 78 -15.59 -1.70 -1.25
N GLN A 79 -14.42 -1.33 -0.71
CA GLN A 79 -14.26 -1.16 0.74
C GLN A 79 -14.13 0.33 1.08
N CYS A 80 -14.44 0.70 2.32
CA CYS A 80 -14.30 2.09 2.72
C CYS A 80 -12.88 2.51 2.46
N ASP A 81 -11.98 1.54 2.54
CA ASP A 81 -10.56 1.79 2.37
C ASP A 81 -10.18 2.19 0.94
N ASP A 82 -11.13 2.09 0.02
CA ASP A 82 -10.88 2.50 -1.37
C ASP A 82 -11.27 3.96 -1.62
N ALA A 83 -11.85 4.62 -0.63
CA ALA A 83 -12.21 6.03 -0.79
C ALA A 83 -10.94 6.83 -1.07
N ALA A 84 -10.90 7.52 -2.20
CA ALA A 84 -9.68 8.18 -2.64
C ALA A 84 -9.93 8.80 -4.01
N THR A 85 -8.93 9.46 -4.55
CA THR A 85 -9.07 10.04 -5.88
C THR A 85 -8.26 9.21 -6.86
N TYR A 86 -8.84 8.96 -8.03
CA TYR A 86 -8.19 8.11 -9.04
C TYR A 86 -7.89 8.92 -10.30
N TYR A 87 -6.68 8.75 -10.83
CA TYR A 87 -6.21 9.49 -12.00
C TYR A 87 -5.78 8.54 -13.11
N CYS A 88 -6.17 8.82 -14.35
CA CYS A 88 -5.59 8.14 -15.48
C CYS A 88 -4.41 8.96 -16.01
N GLN A 89 -3.52 8.32 -16.75
CA GLN A 89 -2.39 9.03 -17.31
C GLN A 89 -1.98 8.42 -18.63
N GLN A 90 -2.08 9.18 -19.71
CA GLN A 90 -1.67 8.68 -21.02
C GLN A 90 -0.16 8.66 -21.07
N GLY A 91 0.38 7.56 -21.60
CA GLY A 91 1.82 7.34 -21.63
C GLY A 91 2.32 7.22 -23.06
N TYR A 92 1.50 7.68 -24.00
CA TYR A 92 1.85 7.62 -25.41
C TYR A 92 2.96 8.62 -25.75
N SER A 93 2.79 9.86 -25.28
CA SER A 93 3.69 10.95 -25.65
C SER A 93 3.89 11.94 -24.51
N ILE A 94 5.12 12.42 -24.36
CA ILE A 94 5.37 13.59 -23.51
C ILE A 94 5.92 14.75 -24.34
N SER A 95 5.81 14.63 -25.66
CA SER A 95 6.25 15.68 -26.57
C SER A 95 5.05 16.60 -26.86
N ASP A 96 5.22 17.88 -26.58
CA ASP A 96 4.18 18.87 -26.84
C ASP A 96 2.82 18.51 -26.25
N ILE A 97 2.74 18.34 -24.94
CA ILE A 97 1.45 18.17 -24.25
C ILE A 97 1.30 19.16 -23.09
N ASP A 98 0.07 19.40 -22.67
CA ASP A 98 -0.19 20.22 -21.49
C ASP A 98 -0.01 19.40 -20.21
N ASN A 99 -0.69 18.26 -20.13
CA ASN A 99 -0.74 17.43 -18.92
C ASN A 99 -1.05 16.00 -19.34
N SER A 100 -0.27 15.04 -18.85
CA SER A 100 -0.49 13.64 -19.20
C SER A 100 -1.60 13.04 -18.35
N PHE A 101 -1.90 13.67 -17.23
CA PHE A 101 -2.95 13.17 -16.32
C PHE A 101 -4.32 13.67 -16.71
N GLY A 102 -5.32 12.83 -16.49
CA GLY A 102 -6.69 13.29 -16.46
C GLY A 102 -6.94 14.12 -15.21
N GLY A 103 -8.14 14.69 -15.10
CA GLY A 103 -8.45 15.60 -14.02
C GLY A 103 -8.75 14.91 -12.70
N GLY A 104 -8.87 13.59 -12.73
CA GLY A 104 -9.16 12.83 -11.53
C GLY A 104 -10.64 12.57 -11.26
N THR A 105 -10.91 11.51 -10.51
CA THR A 105 -12.27 11.13 -10.12
C THR A 105 -12.27 10.73 -8.63
N GLU A 106 -13.11 11.40 -7.85
CA GLU A 106 -13.27 11.05 -6.45
C GLU A 106 -14.16 9.82 -6.30
N VAL A 107 -13.77 8.88 -5.46
CA VAL A 107 -14.62 7.74 -5.17
C VAL A 107 -15.13 7.83 -3.74
N VAL A 108 -16.44 7.93 -3.60
CA VAL A 108 -17.11 7.97 -2.31
C VAL A 108 -17.73 6.63 -2.02
N VAL A 109 -17.41 6.07 -0.86
CA VAL A 109 -17.96 4.77 -0.48
C VAL A 109 -19.08 4.94 0.55
N LYS A 110 -20.29 4.49 0.20
CA LYS A 110 -21.42 4.58 1.11
C LYS A 110 -21.44 3.44 2.13
N GLY A 111 -21.06 3.75 3.37
CA GLY A 111 -21.17 2.81 4.47
C GLY A 111 -22.51 2.96 5.16
N ASP A 112 -22.58 2.59 6.43
CA ASP A 112 -23.82 2.72 7.18
C ASP A 112 -24.06 4.16 7.58
N PRO A 113 -25.31 4.62 7.47
CA PRO A 113 -25.68 5.97 7.90
C PRO A 113 -25.37 6.16 9.38
N VAL A 114 -24.82 7.32 9.72
CA VAL A 114 -24.58 7.70 11.10
C VAL A 114 -24.90 9.18 11.21
N ALA A 115 -25.68 9.55 12.21
CA ALA A 115 -26.00 10.94 12.46
C ALA A 115 -24.82 11.61 13.18
N PRO A 116 -24.57 12.88 12.86
CA PRO A 116 -23.43 13.63 13.41
C PRO A 116 -23.66 13.94 14.88
N THR A 117 -22.58 13.98 15.65
CA THR A 117 -22.65 14.62 16.94
C THR A 117 -22.11 16.04 16.73
N VAL A 118 -22.89 17.03 17.15
CA VAL A 118 -22.65 18.42 16.81
C VAL A 118 -22.31 19.20 18.06
N LEU A 119 -21.21 19.93 18.01
CA LEU A 119 -20.78 20.76 19.12
C LEU A 119 -20.39 22.14 18.61
N ILE A 120 -20.64 23.16 19.42
CA ILE A 120 -20.21 24.51 19.10
C ILE A 120 -19.21 24.96 20.19
N PHE A 121 -18.21 25.72 19.78
CA PHE A 121 -17.18 26.21 20.70
C PHE A 121 -17.08 27.73 20.66
N PRO A 122 -17.57 28.42 21.70
CA PRO A 122 -17.44 29.88 21.77
C PRO A 122 -15.97 30.31 21.76
N PRO A 123 -15.67 31.57 21.38
CA PRO A 123 -14.25 31.97 21.35
C PRO A 123 -13.61 31.98 22.73
N ALA A 124 -12.38 31.53 22.83
CA ALA A 124 -11.65 31.67 24.09
C ALA A 124 -11.60 33.16 24.45
N ALA A 125 -11.45 33.46 25.74
CA ALA A 125 -11.53 34.83 26.18
C ALA A 125 -10.49 35.77 25.54
N ASP A 126 -9.36 35.22 25.08
CA ASP A 126 -8.28 36.04 24.52
C ASP A 126 -8.40 36.36 23.02
N GLN A 127 -9.40 35.80 22.36
CA GLN A 127 -9.52 36.03 20.92
C GLN A 127 -9.94 37.46 20.59
N VAL A 128 -10.92 37.96 21.34
CA VAL A 128 -11.61 39.19 20.96
C VAL A 128 -10.68 40.41 20.92
N ALA A 129 -9.67 40.44 21.79
CA ALA A 129 -8.72 41.55 21.78
C ALA A 129 -7.81 41.54 20.55
N THR A 130 -7.76 40.42 19.85
CA THR A 130 -6.93 40.37 18.65
C THR A 130 -7.57 41.16 17.51
N GLY A 131 -8.81 41.61 17.74
CA GLY A 131 -9.57 42.31 16.71
C GLY A 131 -10.39 41.38 15.84
N THR A 132 -10.09 40.09 15.90
CA THR A 132 -10.83 39.09 15.13
C THR A 132 -11.37 38.01 16.08
N VAL A 133 -12.56 37.50 15.78
CA VAL A 133 -13.15 36.44 16.59
C VAL A 133 -13.52 35.23 15.73
N THR A 134 -13.15 34.05 16.19
CA THR A 134 -13.37 32.82 15.43
C THR A 134 -14.16 31.76 16.22
N ILE A 135 -15.34 31.45 15.73
CA ILE A 135 -16.24 30.50 16.36
C ILE A 135 -16.20 29.17 15.63
N VAL A 136 -16.05 28.06 16.36
CA VAL A 136 -15.92 26.77 15.72
C VAL A 136 -17.12 25.86 15.98
N CYS A 137 -17.61 25.22 14.91
CA CYS A 137 -18.64 24.19 15.02
C CYS A 137 -18.13 22.90 14.38
N VAL A 138 -18.31 21.78 15.06
CA VAL A 138 -17.92 20.50 14.49
C VAL A 138 -19.09 19.52 14.41
N ALA A 139 -19.12 18.77 13.31
CA ALA A 139 -20.03 17.64 13.16
C ALA A 139 -19.16 16.41 13.08
N ASN A 140 -19.20 15.59 14.13
CA ASN A 140 -18.29 14.47 14.23
C ASN A 140 -18.95 13.16 13.85
N LYS A 141 -18.22 12.37 13.06
CA LYS A 141 -18.55 10.98 12.78
C LYS A 141 -19.94 10.83 12.15
N TYR A 142 -20.04 11.07 10.85
CA TYR A 142 -21.33 10.98 10.18
C TYR A 142 -21.25 10.55 8.71
N PHE A 143 -22.35 9.98 8.25
CA PHE A 143 -22.58 9.70 6.84
C PHE A 143 -24.08 9.51 6.64
N PRO A 144 -24.65 10.04 5.55
CA PRO A 144 -23.99 10.74 4.43
C PRO A 144 -23.74 12.23 4.73
N ASP A 145 -23.47 13.01 3.69
CA ASP A 145 -23.11 14.42 3.85
C ASP A 145 -24.12 15.27 4.61
N VAL A 146 -23.63 16.31 5.26
CA VAL A 146 -24.46 17.26 5.97
C VAL A 146 -24.32 18.65 5.36
N THR A 147 -25.25 19.55 5.68
CA THR A 147 -25.07 20.93 5.29
C THR A 147 -25.07 21.77 6.56
N VAL A 148 -24.33 22.86 6.54
CA VAL A 148 -24.21 23.72 7.71
C VAL A 148 -24.75 25.11 7.43
N THR A 149 -25.47 25.64 8.41
CA THR A 149 -25.99 26.98 8.34
C THR A 149 -25.63 27.65 9.65
N TRP A 150 -25.22 28.90 9.58
CA TRP A 150 -24.95 29.70 10.77
C TRP A 150 -25.99 30.79 10.85
N GLU A 151 -26.34 31.17 12.07
CA GLU A 151 -27.26 32.29 12.28
C GLU A 151 -26.73 33.16 13.39
N VAL A 152 -26.90 34.46 13.24
CA VAL A 152 -26.48 35.41 14.25
C VAL A 152 -27.69 36.26 14.64
N ASP A 153 -28.17 36.08 15.85
CA ASP A 153 -29.41 36.71 16.27
C ASP A 153 -30.53 36.39 15.26
N GLY A 154 -30.57 35.14 14.80
CA GLY A 154 -31.63 34.68 13.92
C GLY A 154 -31.46 35.04 12.46
N THR A 155 -30.38 35.72 12.13
CA THR A 155 -30.08 36.05 10.74
C THR A 155 -29.06 35.09 10.12
N THR A 156 -29.45 34.45 9.02
CA THR A 156 -28.56 33.53 8.34
C THR A 156 -27.25 34.23 7.97
N GLN A 157 -26.13 33.67 8.40
CA GLN A 157 -24.83 34.19 8.01
C GLN A 157 -24.49 33.72 6.62
N THR A 158 -23.83 34.58 5.85
CA THR A 158 -23.65 34.34 4.44
C THR A 158 -22.23 34.66 4.03
N THR A 159 -21.42 35.04 5.02
CA THR A 159 -20.02 35.36 4.78
C THR A 159 -19.19 35.11 6.04
N GLY A 160 -17.88 34.91 5.87
CA GLY A 160 -17.02 34.59 7.00
C GLY A 160 -17.02 33.11 7.40
N ILE A 161 -17.57 32.26 6.54
CA ILE A 161 -17.70 30.85 6.84
C ILE A 161 -16.74 29.96 6.05
N GLU A 162 -16.03 29.08 6.75
CA GLU A 162 -15.09 28.17 6.14
C GLU A 162 -15.36 26.74 6.65
N ASN A 163 -15.62 25.81 5.74
CA ASN A 163 -15.85 24.42 6.10
C ASN A 163 -14.69 23.52 5.73
N SER A 164 -14.44 22.53 6.56
CA SER A 164 -13.36 21.60 6.29
C SER A 164 -13.75 20.18 6.69
N LYS A 165 -13.78 19.28 5.70
CA LYS A 165 -14.20 17.91 5.90
C LYS A 165 -13.00 16.95 5.82
N THR A 166 -12.89 16.04 6.79
CA THR A 166 -11.88 14.99 6.76
C THR A 166 -12.17 13.92 5.72
N PRO A 167 -11.14 13.22 5.24
CA PRO A 167 -11.36 12.06 4.37
C PRO A 167 -12.26 11.03 5.05
N GLN A 168 -12.88 10.16 4.27
CA GLN A 168 -13.72 9.10 4.82
C GLN A 168 -12.91 8.15 5.71
N ASN A 169 -13.45 7.81 6.86
CA ASN A 169 -12.82 6.83 7.74
C ASN A 169 -12.65 5.50 7.03
N SER A 170 -11.46 4.91 7.10
CA SER A 170 -11.16 3.75 6.29
C SER A 170 -11.88 2.50 6.80
N ALA A 171 -12.40 2.56 8.03
CA ALA A 171 -13.14 1.44 8.60
C ALA A 171 -14.66 1.57 8.45
N ASP A 172 -15.21 2.75 8.74
CA ASP A 172 -16.66 2.89 8.72
C ASP A 172 -17.20 3.94 7.75
N CYS A 173 -16.36 4.46 6.87
CA CYS A 173 -16.77 5.40 5.82
C CYS A 173 -17.20 6.81 6.25
N THR A 174 -17.15 7.11 7.55
CA THR A 174 -17.68 8.39 8.04
C THR A 174 -16.76 9.59 7.81
N TYR A 175 -17.38 10.78 7.89
CA TYR A 175 -16.69 12.05 7.77
C TYR A 175 -16.69 12.75 9.12
N ASN A 176 -15.78 13.69 9.30
CA ASN A 176 -15.88 14.68 10.35
C ASN A 176 -15.79 16.03 9.65
N LEU A 177 -16.53 17.01 10.15
CA LEU A 177 -16.58 18.30 9.52
C LEU A 177 -16.37 19.40 10.56
N SER A 178 -15.54 20.40 10.26
CA SER A 178 -15.56 21.63 11.07
C SER A 178 -16.07 22.80 10.24
N SER A 179 -16.78 23.71 10.88
CA SER A 179 -17.28 24.89 10.23
C SER A 179 -16.91 26.03 11.12
N THR A 180 -16.24 27.02 10.54
CA THR A 180 -15.73 28.14 11.32
C THR A 180 -16.36 29.44 10.85
N LEU A 181 -16.81 30.24 11.80
CA LEU A 181 -17.36 31.54 11.48
C LEU A 181 -16.39 32.56 12.04
N THR A 182 -15.96 33.48 11.18
CA THR A 182 -15.03 34.53 11.60
C THR A 182 -15.65 35.90 11.43
N LEU A 183 -15.58 36.70 12.49
CA LEU A 183 -16.14 38.05 12.49
C LEU A 183 -15.12 39.01 13.07
N THR A 184 -15.30 40.30 12.81
CA THR A 184 -14.48 41.30 13.48
C THR A 184 -14.98 41.36 14.91
N SER A 185 -14.16 41.91 15.80
CA SER A 185 -14.55 42.02 17.20
C SER A 185 -15.74 42.96 17.38
N THR A 186 -15.83 43.98 16.51
CA THR A 186 -16.95 44.92 16.54
C THR A 186 -18.25 44.21 16.17
N GLN A 187 -18.21 43.42 15.10
CA GLN A 187 -19.35 42.61 14.72
C GLN A 187 -19.73 41.64 15.84
N TYR A 188 -18.74 40.96 16.40
CA TYR A 188 -19.02 39.95 17.43
C TYR A 188 -19.72 40.52 18.66
N ASN A 189 -19.30 41.72 19.08
CA ASN A 189 -19.84 42.27 20.31
C ASN A 189 -21.16 43.00 20.08
N SER A 190 -21.53 43.17 18.81
CA SER A 190 -22.77 43.84 18.50
C SER A 190 -23.95 42.86 18.42
N HIS A 191 -23.66 41.56 18.54
CA HIS A 191 -24.71 40.53 18.51
C HIS A 191 -24.68 39.65 19.75
N LYS A 192 -25.73 38.87 19.97
CA LYS A 192 -25.78 38.04 21.18
C LYS A 192 -25.82 36.53 20.94
N GLU A 193 -26.74 36.10 20.08
CA GLU A 193 -26.94 34.67 19.89
C GLU A 193 -26.22 34.13 18.68
N TYR A 194 -25.35 33.15 18.91
CA TYR A 194 -24.61 32.53 17.82
C TYR A 194 -25.02 31.07 17.66
N THR A 195 -25.38 30.71 16.43
CA THR A 195 -26.03 29.45 16.16
C THR A 195 -25.43 28.67 15.00
N CYS A 196 -25.11 27.41 15.26
CA CYS A 196 -24.63 26.51 14.24
C CYS A 196 -25.69 25.43 14.01
N LYS A 197 -26.18 25.30 12.77
CA LYS A 197 -27.15 24.28 12.42
C LYS A 197 -26.61 23.26 11.42
N VAL A 198 -26.61 21.99 11.82
CA VAL A 198 -26.11 20.89 10.97
C VAL A 198 -27.27 19.99 10.54
N THR A 199 -27.50 19.91 9.24
CA THR A 199 -28.65 19.20 8.71
C THR A 199 -28.22 17.98 7.93
N GLN A 200 -28.84 16.85 8.25
CA GLN A 200 -28.60 15.61 7.53
C GLN A 200 -29.94 15.04 7.04
N GLY A 201 -30.22 15.20 5.75
CA GLY A 201 -31.51 14.83 5.22
C GLY A 201 -32.60 15.62 5.94
N THR A 202 -33.46 14.92 6.67
CA THR A 202 -34.58 15.58 7.34
C THR A 202 -34.37 15.87 8.82
N THR A 203 -33.17 15.59 9.32
CA THR A 203 -32.82 15.83 10.72
C THR A 203 -31.81 16.95 10.87
N SER A 204 -32.04 17.86 11.79
CA SER A 204 -31.10 18.93 12.08
C SER A 204 -30.77 18.99 13.56
N VAL A 205 -29.50 19.20 13.86
CA VAL A 205 -29.10 19.48 15.23
C VAL A 205 -28.62 20.92 15.28
N VAL A 206 -29.12 21.67 16.24
CA VAL A 206 -28.83 23.10 16.33
C VAL A 206 -28.11 23.38 17.65
N GLN A 207 -26.93 23.98 17.56
CA GLN A 207 -26.20 24.34 18.78
C GLN A 207 -25.96 25.83 18.82
N SER A 208 -26.20 26.42 19.97
CA SER A 208 -26.07 27.84 20.15
C SER A 208 -25.32 28.17 21.43
N PHE A 209 -24.99 29.45 21.56
CA PHE A 209 -24.52 30.01 22.82
C PHE A 209 -24.79 31.51 22.72
N ASN A 210 -24.78 32.18 23.87
CA ASN A 210 -24.99 33.62 23.88
C ASN A 210 -23.74 34.30 24.39
N ARG A 211 -23.26 35.27 23.62
CA ARG A 211 -22.00 35.96 23.92
C ARG A 211 -21.86 36.28 25.39
N GLY A 212 -22.91 36.86 25.96
CA GLY A 212 -22.88 37.18 27.38
C GLY A 212 -22.47 36.05 28.32
N ASP A 213 -23.00 34.85 28.07
CA ASP A 213 -22.86 33.74 29.01
C ASP A 213 -21.54 32.96 28.90
N CYS A 214 -20.65 33.40 28.01
CA CYS A 214 -19.41 32.66 27.77
C CYS A 214 -18.18 33.53 28.01
N GLN B 1 15.12 1.83 -2.91
CA GLN B 1 14.88 2.97 -3.76
C GLN B 1 13.77 3.83 -3.18
N SER B 2 14.12 5.08 -2.89
CA SER B 2 13.16 6.09 -2.51
C SER B 2 13.63 7.41 -3.11
N LEU B 3 12.74 8.39 -3.15
CA LEU B 3 13.10 9.73 -3.59
C LEU B 3 12.78 10.73 -2.48
N GLU B 4 13.54 11.81 -2.41
CA GLU B 4 13.23 12.85 -1.44
C GLU B 4 13.43 14.24 -2.02
N GLU B 5 12.33 14.98 -2.14
CA GLU B 5 12.37 16.34 -2.65
C GLU B 5 12.78 17.26 -1.51
N SER B 6 13.46 18.35 -1.82
CA SER B 6 13.72 19.39 -0.83
C SER B 6 13.76 20.76 -1.52
N GLY B 7 13.71 21.82 -0.72
CA GLY B 7 13.86 23.15 -1.24
C GLY B 7 12.58 23.97 -1.27
N GLY B 8 11.44 23.32 -1.03
CA GLY B 8 10.20 24.06 -0.91
C GLY B 8 10.36 25.22 0.08
N ASP B 9 9.61 26.30 -0.10
CA ASP B 9 9.76 27.46 0.77
C ASP B 9 8.63 28.46 0.48
N LEU B 10 8.45 29.41 1.39
CA LEU B 10 7.62 30.57 1.13
C LEU B 10 8.42 31.65 0.39
N VAL B 11 7.94 32.05 -0.80
CA VAL B 11 8.59 33.11 -1.57
C VAL B 11 7.55 34.09 -2.08
N LYS B 12 7.99 35.28 -2.45
CA LYS B 12 7.09 36.30 -2.96
C LYS B 12 6.79 36.12 -4.45
N PRO B 13 5.67 36.67 -4.91
CA PRO B 13 5.37 36.70 -6.34
C PRO B 13 6.51 37.36 -7.10
N GLY B 14 6.95 36.73 -8.19
CA GLY B 14 8.04 37.25 -8.98
C GLY B 14 9.36 36.55 -8.67
N ALA B 15 9.40 35.84 -7.54
CA ALA B 15 10.63 35.21 -7.10
C ALA B 15 10.97 33.99 -7.94
N SER B 16 12.23 33.58 -7.87
CA SER B 16 12.67 32.29 -8.38
C SER B 16 12.91 31.36 -7.21
N LEU B 17 13.00 30.06 -7.49
CA LEU B 17 13.21 29.05 -6.47
C LEU B 17 13.62 27.75 -7.12
N THR B 18 14.60 27.08 -6.52
CA THR B 18 15.14 25.85 -7.08
C THR B 18 14.84 24.67 -6.18
N LEU B 19 14.20 23.64 -6.73
CA LEU B 19 13.92 22.44 -5.93
C LEU B 19 14.88 21.34 -6.31
N THR B 20 15.09 20.41 -5.38
CA THR B 20 16.03 19.35 -5.57
C THR B 20 15.34 18.04 -5.23
N CYS B 21 15.59 17.03 -6.04
CA CYS B 21 15.06 15.71 -5.80
C CYS B 21 16.26 14.80 -5.68
N THR B 22 16.40 14.11 -4.56
CA THR B 22 17.56 13.24 -4.43
C THR B 22 17.19 11.77 -4.31
N ALA B 23 17.89 10.94 -5.06
CA ALA B 23 17.57 9.52 -5.12
C ALA B 23 18.37 8.73 -4.09
N SER B 24 17.74 7.73 -3.46
CA SER B 24 18.46 6.74 -2.63
C SER B 24 18.18 5.33 -3.11
N GLY B 25 19.23 4.51 -3.17
CA GLY B 25 19.07 3.11 -3.58
C GLY B 25 19.14 2.86 -5.07
N PHE B 26 19.31 3.91 -5.86
CA PHE B 26 19.59 3.78 -7.28
C PHE B 26 20.20 5.08 -7.80
N SER B 27 20.79 5.03 -8.98
CA SER B 27 21.30 6.26 -9.59
C SER B 27 20.73 6.39 -11.01
N PHE B 28 20.84 7.58 -11.59
CA PHE B 28 20.20 7.86 -12.88
C PHE B 28 20.93 7.17 -14.02
N THR B 29 20.18 6.49 -14.88
CA THR B 29 20.75 5.78 -16.02
C THR B 29 19.77 5.91 -17.16
N ASN B 30 20.16 5.38 -18.33
CA ASN B 30 19.27 5.34 -19.48
C ASN B 30 18.05 4.44 -19.33
N ASN B 31 17.87 3.83 -18.15
CA ASN B 31 16.68 3.03 -17.92
C ASN B 31 15.48 3.81 -17.40
N TYR B 32 15.68 5.10 -17.10
CA TYR B 32 14.58 5.93 -16.58
C TYR B 32 14.61 7.38 -17.08
N TYR B 33 13.44 8.03 -17.09
CA TYR B 33 13.39 9.48 -17.00
C TYR B 33 13.09 9.85 -15.54
N MET B 34 13.62 10.97 -15.07
CA MET B 34 13.27 11.55 -13.78
C MET B 34 12.38 12.75 -14.07
N CYS B 35 11.35 12.93 -13.26
CA CYS B 35 10.30 13.87 -13.61
C CYS B 35 9.85 14.65 -12.38
N TRP B 36 9.16 15.76 -12.63
CA TRP B 36 8.52 16.53 -11.58
C TRP B 36 7.04 16.62 -11.88
N VAL B 37 6.23 16.53 -10.83
CA VAL B 37 4.78 16.60 -10.94
C VAL B 37 4.28 17.41 -9.76
N ARG B 38 3.33 18.31 -9.99
CA ARG B 38 2.86 19.14 -8.90
C ARG B 38 1.36 19.00 -8.68
N GLN B 39 0.90 19.53 -7.56
CA GLN B 39 -0.51 19.44 -7.19
C GLN B 39 -0.86 20.60 -6.25
N ALA B 40 -1.64 21.55 -6.75
CA ALA B 40 -2.10 22.66 -5.91
C ALA B 40 -3.12 22.12 -4.92
N PRO B 41 -3.23 22.78 -3.75
CA PRO B 41 -4.13 22.33 -2.69
C PRO B 41 -5.53 22.08 -3.24
N GLY B 42 -6.03 20.87 -3.06
CA GLY B 42 -7.36 20.49 -3.50
C GLY B 42 -7.53 20.30 -4.99
N LYS B 43 -6.42 20.26 -5.74
CA LYS B 43 -6.47 20.16 -7.19
C LYS B 43 -5.86 18.85 -7.71
N GLY B 44 -5.80 18.69 -9.02
CA GLY B 44 -5.29 17.48 -9.63
C GLY B 44 -3.78 17.47 -9.82
N LEU B 45 -3.26 16.32 -10.22
CA LEU B 45 -1.85 16.17 -10.55
C LEU B 45 -1.56 16.85 -11.88
N GLU B 46 -0.47 17.63 -11.91
CA GLU B 46 -0.02 18.26 -13.15
C GLU B 46 1.41 17.86 -13.44
N TRP B 47 1.63 17.13 -14.53
CA TRP B 47 2.98 16.90 -15.03
C TRP B 47 3.66 18.22 -15.37
N ILE B 48 4.94 18.33 -15.03
CA ILE B 48 5.72 19.54 -15.29
C ILE B 48 6.83 19.30 -16.32
N ALA B 49 7.64 18.27 -16.10
CA ALA B 49 8.81 18.02 -16.93
C ALA B 49 9.49 16.67 -16.63
N CYS B 50 10.17 16.14 -17.64
CA CYS B 50 10.94 14.90 -17.51
C CYS B 50 12.33 15.11 -18.07
N ILE B 51 13.33 14.49 -17.46
CA ILE B 51 14.69 14.49 -18.01
C ILE B 51 15.25 13.08 -18.08
N TYR B 52 15.85 12.75 -19.24
CA TYR B 52 16.41 11.43 -19.51
C TYR B 52 17.58 11.09 -18.58
N GLY B 53 17.58 9.87 -18.04
CA GLY B 53 18.62 9.46 -17.10
C GLY B 53 19.92 9.03 -17.76
N GLY B 54 19.89 8.84 -19.07
CA GLY B 54 21.06 8.36 -19.81
C GLY B 54 22.02 9.46 -20.21
N GLY B 55 22.98 9.14 -21.06
CA GLY B 55 24.00 10.09 -21.47
C GLY B 55 23.47 11.24 -22.32
N ARG B 56 22.60 10.94 -23.29
CA ARG B 56 22.00 11.98 -24.11
C ARG B 56 21.24 13.01 -23.26
N ASP B 57 21.34 14.28 -23.65
CA ASP B 57 20.53 15.31 -23.04
C ASP B 57 19.19 15.37 -23.77
N ILE B 58 18.16 14.87 -23.11
CA ILE B 58 16.79 14.84 -23.63
C ILE B 58 15.86 15.27 -22.51
N VAL B 59 15.21 16.42 -22.69
CA VAL B 59 14.23 16.90 -21.72
C VAL B 59 12.91 17.21 -22.38
N PHE B 60 11.83 16.90 -21.68
CA PHE B 60 10.49 17.24 -22.11
C PHE B 60 9.80 18.13 -21.07
N TYR B 61 9.02 19.11 -21.53
CA TYR B 61 8.32 20.05 -20.66
C TYR B 61 6.86 20.13 -21.00
N ALA B 62 6.03 20.31 -19.98
CA ALA B 62 4.64 20.64 -20.22
C ALA B 62 4.62 21.95 -20.98
N THR B 63 3.62 22.16 -21.81
CA THR B 63 3.63 23.35 -22.64
C THR B 63 3.55 24.63 -21.79
N TRP B 64 3.11 24.51 -20.55
CA TRP B 64 2.97 25.70 -19.69
C TRP B 64 4.25 25.97 -18.89
N ALA B 65 5.18 25.03 -18.93
CA ALA B 65 6.40 25.12 -18.12
C ALA B 65 7.61 25.56 -18.94
N LYS B 66 7.68 25.12 -20.18
CA LYS B 66 8.84 25.44 -21.00
C LYS B 66 8.87 26.95 -21.20
N GLY B 67 9.98 27.56 -20.78
CA GLY B 67 10.14 29.00 -20.88
C GLY B 67 10.18 29.62 -19.49
N ARG B 68 9.77 28.85 -18.48
CA ARG B 68 9.65 29.39 -17.13
C ARG B 68 10.24 28.45 -16.04
N PHE B 69 10.26 27.14 -16.30
CA PHE B 69 10.90 26.17 -15.41
C PHE B 69 12.00 25.43 -16.18
N THR B 70 13.05 25.02 -15.48
CA THR B 70 14.12 24.24 -16.09
C THR B 70 14.41 23.05 -15.21
N ILE B 71 14.51 21.87 -15.82
CA ILE B 71 14.88 20.64 -15.10
C ILE B 71 16.30 20.22 -15.48
N SER B 72 17.13 19.88 -14.51
CA SER B 72 18.51 19.44 -14.80
C SER B 72 18.97 18.31 -13.90
N LYS B 73 19.88 17.51 -14.43
CA LYS B 73 20.58 16.54 -13.60
C LYS B 73 21.84 17.21 -13.10
N THR B 74 22.02 17.24 -11.79
CA THR B 74 23.20 17.87 -11.22
C THR B 74 24.16 16.81 -10.67
N SER B 75 23.80 15.56 -10.83
CA SER B 75 24.63 14.45 -10.39
C SER B 75 23.89 13.19 -10.71
N SER B 76 24.50 12.05 -10.42
CA SER B 76 23.93 10.76 -10.74
C SER B 76 22.76 10.42 -9.82
N THR B 77 22.55 11.22 -8.78
CA THR B 77 21.45 10.96 -7.86
C THR B 77 20.58 12.20 -7.56
N THR B 78 20.81 13.29 -8.28
CA THR B 78 20.08 14.53 -8.01
C THR B 78 19.63 15.26 -9.28
N VAL B 79 18.35 15.62 -9.34
CA VAL B 79 17.82 16.49 -10.39
C VAL B 79 17.17 17.68 -9.71
N THR B 80 17.24 18.83 -10.36
CA THR B 80 16.65 20.05 -9.81
C THR B 80 15.53 20.56 -10.72
N LEU B 81 14.71 21.43 -10.17
CA LEU B 81 13.70 22.14 -10.93
C LEU B 81 13.86 23.61 -10.57
N GLN B 82 14.32 24.41 -11.53
CA GLN B 82 14.49 25.83 -11.32
C GLN B 82 13.22 26.53 -11.80
N MET B 83 12.57 27.27 -10.92
CA MET B 83 11.32 27.92 -11.25
C MET B 83 11.53 29.42 -11.22
N THR B 84 11.03 30.12 -12.24
CA THR B 84 11.17 31.58 -12.30
C THR B 84 9.80 32.24 -12.36
N SER B 85 9.74 33.53 -12.05
CA SER B 85 8.52 34.32 -12.12
C SER B 85 7.32 33.64 -11.47
N LEU B 86 7.47 33.26 -10.21
CA LEU B 86 6.42 32.48 -9.55
C LEU B 86 5.21 33.36 -9.21
N THR B 87 4.05 32.75 -9.19
CA THR B 87 2.83 33.46 -8.83
C THR B 87 2.11 32.57 -7.84
N ALA B 88 1.05 33.09 -7.24
CA ALA B 88 0.26 32.33 -6.27
C ALA B 88 -0.27 31.03 -6.89
N ALA B 89 -0.39 31.02 -8.22
CA ALA B 89 -0.91 29.86 -8.91
C ALA B 89 0.11 28.73 -8.97
N ASP B 90 1.35 29.04 -8.59
CA ASP B 90 2.39 28.01 -8.54
C ASP B 90 2.49 27.40 -7.15
N THR B 91 1.63 27.86 -6.24
CA THR B 91 1.59 27.28 -4.90
C THR B 91 1.14 25.83 -5.00
N ALA B 92 1.95 24.92 -4.50
CA ALA B 92 1.60 23.51 -4.65
C ALA B 92 2.56 22.63 -3.88
N THR B 93 2.20 21.35 -3.74
CA THR B 93 3.19 20.35 -3.38
C THR B 93 3.82 19.85 -4.66
N TYR B 94 5.15 19.78 -4.67
CA TYR B 94 5.91 19.37 -5.83
C TYR B 94 6.54 18.00 -5.59
N PHE B 95 6.15 17.01 -6.41
CA PHE B 95 6.64 15.65 -6.31
C PHE B 95 7.74 15.41 -7.32
N CYS B 96 8.72 14.61 -6.94
CA CYS B 96 9.67 14.08 -7.88
C CYS B 96 9.19 12.66 -8.15
N ALA B 97 9.25 12.22 -9.41
CA ALA B 97 8.84 10.87 -9.74
C ALA B 97 9.77 10.20 -10.73
N ARG B 98 9.94 8.89 -10.60
CA ARG B 98 10.69 8.14 -11.58
C ARG B 98 9.75 7.59 -12.65
N GLU B 99 10.20 7.67 -13.90
CA GLU B 99 9.36 7.27 -15.01
C GLU B 99 9.98 6.11 -15.81
N ASN B 100 9.24 5.02 -15.93
CA ASN B 100 9.63 3.90 -16.76
C ASN B 100 9.15 4.12 -18.19
N PHE B 101 9.82 3.51 -19.17
CA PHE B 101 9.38 3.62 -20.56
C PHE B 101 9.76 2.40 -21.39
N ASP B 102 9.10 2.25 -22.55
CA ASP B 102 9.49 1.23 -23.53
C ASP B 102 10.27 1.89 -24.66
N ALA B 103 11.43 1.32 -24.99
CA ALA B 103 12.13 1.67 -26.22
C ALA B 103 11.45 0.92 -27.35
N VAL B 104 11.00 1.66 -28.36
CA VAL B 104 10.31 1.06 -29.50
C VAL B 104 11.01 1.49 -30.80
N GLY B 105 10.95 0.65 -31.83
CA GLY B 105 11.60 0.95 -33.09
C GLY B 105 13.06 0.53 -33.09
N VAL B 106 13.80 0.93 -34.13
CA VAL B 106 15.23 0.61 -34.22
C VAL B 106 16.06 1.73 -34.87
N GLY B 107 17.23 1.98 -34.31
CA GLY B 107 18.13 3.03 -34.77
C GLY B 107 19.41 3.05 -33.95
N GLY B 108 19.82 4.21 -33.44
CA GLY B 108 19.18 5.50 -33.66
C GLY B 108 17.99 5.59 -34.59
N GLY B 109 16.80 5.34 -34.02
CA GLY B 109 15.55 5.35 -34.75
C GLY B 109 14.54 4.89 -33.72
N THR B 110 15.09 4.37 -32.63
CA THR B 110 14.30 3.92 -31.49
C THR B 110 13.82 5.13 -30.67
N TYR B 111 12.60 5.05 -30.16
CA TYR B 111 12.05 6.14 -29.37
C TYR B 111 11.37 5.62 -28.10
N SER B 112 11.21 6.51 -27.14
CA SER B 112 10.59 6.13 -25.89
C SER B 112 9.09 6.38 -25.94
N THR B 113 8.34 5.42 -25.40
CA THR B 113 6.91 5.55 -25.24
C THR B 113 6.50 4.63 -24.07
N ASP B 114 5.19 4.46 -23.86
CA ASP B 114 4.68 3.72 -22.71
C ASP B 114 5.22 4.26 -21.39
N TYR B 115 5.09 5.57 -21.21
CA TYR B 115 5.57 6.22 -19.98
C TYR B 115 4.62 5.95 -18.81
N TYR B 116 5.18 5.54 -17.68
CA TYR B 116 4.41 5.55 -16.43
C TYR B 116 5.32 5.76 -15.23
N PHE B 117 4.77 6.24 -14.12
CA PHE B 117 5.58 6.55 -12.94
C PHE B 117 5.58 5.40 -11.95
N ASP B 118 6.76 4.90 -11.59
CA ASP B 118 6.81 3.77 -10.65
C ASP B 118 7.38 4.11 -9.27
N LEU B 119 7.65 5.38 -9.02
CA LEU B 119 8.28 5.76 -7.75
C LEU B 119 8.10 7.25 -7.54
N TRP B 120 7.73 7.61 -6.33
CA TRP B 120 7.43 9.00 -5.98
C TRP B 120 8.05 9.36 -4.65
N GLY B 121 8.42 10.63 -4.51
CA GLY B 121 8.84 11.17 -3.24
C GLY B 121 7.61 11.64 -2.49
N PRO B 122 7.78 12.02 -1.22
CA PRO B 122 6.66 12.50 -0.40
C PRO B 122 6.26 13.92 -0.78
N GLY B 123 7.12 14.61 -1.54
CA GLY B 123 6.80 15.94 -2.03
C GLY B 123 7.36 17.06 -1.19
N THR B 124 7.57 18.22 -1.81
CA THR B 124 8.01 19.40 -1.06
C THR B 124 7.06 20.55 -1.35
N LEU B 125 6.76 21.33 -0.32
CA LEU B 125 5.72 22.34 -0.42
C LEU B 125 6.27 23.71 -0.80
N VAL B 126 5.72 24.28 -1.87
CA VAL B 126 6.11 25.60 -2.33
C VAL B 126 4.95 26.54 -2.10
N ILE B 127 5.21 27.69 -1.50
CA ILE B 127 4.15 28.65 -1.22
C ILE B 127 4.56 29.99 -1.81
N VAL B 128 3.72 30.52 -2.68
CA VAL B 128 3.98 31.81 -3.31
C VAL B 128 2.93 32.79 -2.84
N SER B 129 3.36 33.79 -2.07
CA SER B 129 2.44 34.72 -1.44
C SER B 129 3.10 36.08 -1.13
N SER B 130 2.28 37.11 -1.06
CA SER B 130 2.74 38.43 -0.67
C SER B 130 3.09 38.49 0.82
N GLY B 131 2.41 37.66 1.61
CA GLY B 131 2.52 37.76 3.06
C GLY B 131 3.85 37.20 3.54
N GLN B 132 4.32 37.67 4.69
CA GLN B 132 5.50 37.12 5.32
C GLN B 132 5.15 35.95 6.24
N PRO B 133 6.17 35.17 6.63
CA PRO B 133 5.89 34.01 7.49
C PRO B 133 5.22 34.48 8.76
N LYS B 134 4.39 33.63 9.33
CA LYS B 134 3.66 33.96 10.55
C LYS B 134 3.39 32.68 11.36
N ALA B 135 3.79 32.71 12.61
CA ALA B 135 3.55 31.59 13.52
C ALA B 135 2.10 31.63 13.95
N PRO B 136 1.51 30.46 14.19
CA PRO B 136 0.08 30.38 14.48
C PRO B 136 -0.28 30.90 15.87
N SER B 137 -1.49 31.43 16.02
CA SER B 137 -2.03 31.62 17.36
C SER B 137 -2.81 30.37 17.72
N VAL B 138 -2.64 29.89 18.94
CA VAL B 138 -3.37 28.73 19.40
C VAL B 138 -4.37 29.08 20.50
N PHE B 139 -5.64 28.80 20.26
CA PHE B 139 -6.68 29.08 21.25
C PHE B 139 -7.35 27.80 21.68
N PRO B 140 -7.73 27.70 22.96
CA PRO B 140 -8.45 26.52 23.47
C PRO B 140 -9.86 26.45 22.89
N LEU B 141 -10.35 25.23 22.65
CA LEU B 141 -11.75 25.02 22.33
C LEU B 141 -12.44 24.24 23.45
N ALA B 142 -13.43 24.86 24.09
CA ALA B 142 -14.23 24.17 25.10
C ALA B 142 -15.66 24.67 25.09
N PRO B 143 -16.59 23.86 25.62
CA PRO B 143 -18.01 24.20 25.69
C PRO B 143 -18.22 25.50 26.45
N CYS B 144 -19.30 26.21 26.15
CA CYS B 144 -19.66 27.45 26.84
C CYS B 144 -19.61 27.27 28.36
N CYS B 145 -18.88 28.16 29.04
CA CYS B 145 -18.71 28.10 30.50
C CYS B 145 -20.04 28.28 31.24
N GLY B 146 -21.04 28.78 30.53
CA GLY B 146 -22.38 28.95 31.07
C GLY B 146 -23.13 27.64 31.15
N ASP B 147 -22.82 26.71 30.23
CA ASP B 147 -23.47 25.41 30.20
C ASP B 147 -23.15 24.59 31.44
N THR B 148 -24.06 23.69 31.79
CA THR B 148 -23.84 22.75 32.89
C THR B 148 -22.79 21.72 32.47
N PRO B 149 -21.72 21.60 33.27
CA PRO B 149 -20.66 20.60 33.08
C PRO B 149 -21.21 19.23 32.68
N SER B 150 -20.30 18.29 32.42
CA SER B 150 -20.67 16.93 32.05
C SER B 150 -19.45 16.01 32.16
N ALA B 151 -19.68 14.75 32.51
CA ALA B 151 -18.58 13.80 32.68
C ALA B 151 -17.76 13.69 31.40
N THR B 152 -18.44 13.33 30.33
CA THR B 152 -17.81 13.13 29.02
C THR B 152 -17.80 14.43 28.21
N VAL B 153 -16.64 14.77 27.64
CA VAL B 153 -16.48 16.09 27.01
C VAL B 153 -15.50 16.07 25.82
N THR B 154 -15.79 16.89 24.80
CA THR B 154 -14.79 17.07 23.75
C THR B 154 -14.19 18.48 23.78
N LEU B 155 -12.87 18.52 23.72
CA LEU B 155 -12.11 19.76 23.86
C LEU B 155 -11.21 19.85 22.65
N GLY B 156 -10.64 21.02 22.40
CA GLY B 156 -9.76 21.16 21.25
C GLY B 156 -8.82 22.35 21.27
N CYS B 157 -8.12 22.52 20.16
CA CYS B 157 -7.28 23.69 19.96
C CYS B 157 -7.57 24.26 18.59
N LEU B 158 -7.72 25.57 18.53
CA LEU B 158 -7.84 26.26 17.26
C LEU B 158 -6.47 26.81 16.89
N VAL B 159 -5.95 26.39 15.73
CA VAL B 159 -4.61 26.81 15.30
C VAL B 159 -4.75 27.79 14.13
N LYS B 160 -4.64 29.07 14.44
CA LYS B 160 -5.13 30.12 13.56
C LYS B 160 -4.06 31.08 13.03
N GLY B 161 -4.14 31.42 11.76
CA GLY B 161 -3.33 32.47 11.17
C GLY B 161 -1.84 32.17 11.03
N TYR B 162 -1.50 31.07 10.36
CA TYR B 162 -0.09 30.75 10.14
C TYR B 162 0.21 30.71 8.65
N LEU B 163 1.48 30.87 8.33
CA LEU B 163 1.95 30.82 6.96
C LEU B 163 3.46 30.59 7.02
N PRO B 164 3.98 29.66 6.21
CA PRO B 164 3.21 28.80 5.31
C PRO B 164 2.73 27.56 6.04
N GLU B 165 2.06 26.65 5.34
CA GLU B 165 1.80 25.31 5.84
C GLU B 165 3.12 24.56 5.92
N PRO B 166 3.18 23.48 6.70
CA PRO B 166 2.08 22.94 7.48
C PRO B 166 2.25 23.21 8.97
N VAL B 167 1.22 22.91 9.74
CA VAL B 167 1.40 22.65 11.16
C VAL B 167 1.03 21.21 11.43
N THR B 168 1.52 20.66 12.54
CA THR B 168 1.11 19.35 12.98
C THR B 168 0.58 19.45 14.39
N VAL B 169 -0.39 18.62 14.72
CA VAL B 169 -0.99 18.65 16.05
C VAL B 169 -1.01 17.26 16.64
N THR B 170 -0.48 17.12 17.84
CA THR B 170 -0.63 15.90 18.59
C THR B 170 -1.34 16.24 19.89
N TRP B 171 -1.78 15.23 20.63
CA TRP B 171 -2.34 15.42 21.95
C TRP B 171 -1.53 14.62 22.97
N ASN B 172 -1.23 15.25 24.10
CA ASN B 172 -0.40 14.64 25.13
C ASN B 172 0.85 13.99 24.56
N SER B 173 1.55 14.76 23.73
CA SER B 173 2.82 14.31 23.17
C SER B 173 2.66 13.01 22.41
N GLY B 174 1.49 12.81 21.80
CA GLY B 174 1.23 11.64 20.98
C GLY B 174 0.64 10.44 21.71
N THR B 175 0.55 10.51 23.03
CA THR B 175 0.06 9.37 23.82
C THR B 175 -1.45 9.35 23.88
N LEU B 176 -2.09 10.30 23.21
CA LEU B 176 -3.54 10.30 23.06
C LEU B 176 -3.83 10.40 21.58
N THR B 177 -4.46 9.36 21.04
CA THR B 177 -4.76 9.32 19.60
C THR B 177 -6.22 8.94 19.33
N ASN B 178 -6.75 8.04 20.16
CA ASN B 178 -8.13 7.62 20.01
C ASN B 178 -9.04 8.78 20.35
N GLY B 179 -9.98 9.07 19.46
CA GLY B 179 -10.92 10.15 19.68
C GLY B 179 -10.42 11.48 19.16
N VAL B 180 -9.24 11.46 18.54
CA VAL B 180 -8.68 12.70 18.00
C VAL B 180 -9.14 12.95 16.58
N ARG B 181 -9.65 14.14 16.32
CA ARG B 181 -10.02 14.53 14.97
C ARG B 181 -9.38 15.87 14.56
N THR B 182 -8.47 15.81 13.60
CA THR B 182 -7.75 17.00 13.15
C THR B 182 -8.17 17.31 11.72
N PHE B 183 -8.74 18.49 11.52
CA PHE B 183 -9.32 18.86 10.25
C PHE B 183 -8.30 19.42 9.29
N PRO B 184 -8.51 19.20 7.98
CA PRO B 184 -7.59 19.77 6.98
C PRO B 184 -7.56 21.28 7.16
N SER B 185 -6.43 21.89 6.88
CA SER B 185 -6.28 23.33 7.01
C SER B 185 -7.15 24.05 5.99
N VAL B 186 -7.52 25.28 6.30
CA VAL B 186 -8.14 26.17 5.32
C VAL B 186 -7.37 27.48 5.16
N ARG B 187 -7.26 27.93 3.93
CA ARG B 187 -6.71 29.26 3.65
C ARG B 187 -7.83 30.29 3.79
N GLN B 188 -7.68 31.19 4.74
CA GLN B 188 -8.66 32.24 4.96
C GLN B 188 -8.42 33.40 4.01
N SER B 189 -9.39 34.29 3.92
CA SER B 189 -9.31 35.43 3.01
C SER B 189 -8.02 36.20 3.22
N SER B 190 -7.58 36.27 4.48
CA SER B 190 -6.35 36.95 4.86
C SER B 190 -5.11 36.40 4.14
N GLY B 191 -5.22 35.18 3.62
CA GLY B 191 -4.07 34.51 3.03
C GLY B 191 -3.38 33.62 4.04
N LEU B 192 -3.84 33.69 5.28
CA LEU B 192 -3.30 32.87 6.37
C LEU B 192 -4.13 31.61 6.53
N TYR B 193 -3.47 30.53 6.94
CA TYR B 193 -4.13 29.27 7.14
C TYR B 193 -4.60 29.10 8.58
N SER B 194 -5.61 28.26 8.77
CA SER B 194 -6.09 27.91 10.08
C SER B 194 -6.53 26.47 10.04
N LEU B 195 -6.37 25.76 11.16
CA LEU B 195 -7.05 24.50 11.33
C LEU B 195 -7.45 24.26 12.78
N SER B 196 -8.31 23.27 13.00
CA SER B 196 -8.68 22.89 14.35
C SER B 196 -8.43 21.41 14.59
N SER B 197 -8.33 21.06 15.86
CA SER B 197 -8.21 19.68 16.25
C SER B 197 -9.00 19.53 17.55
N VAL B 198 -9.81 18.48 17.63
CA VAL B 198 -10.60 18.24 18.83
C VAL B 198 -10.40 16.80 19.29
N VAL B 199 -10.55 16.59 20.59
CA VAL B 199 -10.43 15.25 21.14
C VAL B 199 -11.55 14.98 22.13
N SER B 200 -12.18 13.81 22.00
CA SER B 200 -13.26 13.43 22.88
C SER B 200 -12.69 12.60 24.02
N VAL B 201 -12.91 13.08 25.24
CA VAL B 201 -12.27 12.50 26.42
C VAL B 201 -13.33 12.03 27.43
N THR B 202 -13.10 10.85 28.00
CA THR B 202 -14.14 10.11 28.73
C THR B 202 -14.72 10.86 29.92
N SER B 203 -13.85 11.36 30.79
CA SER B 203 -14.28 12.13 31.95
C SER B 203 -13.07 12.91 32.40
N SER B 204 -12.94 13.14 33.70
CA SER B 204 -11.75 13.77 34.24
C SER B 204 -10.59 12.77 34.23
N SER B 205 -10.56 11.94 33.20
CA SER B 205 -9.53 10.92 33.05
C SER B 205 -8.15 11.55 32.88
N GLN B 206 -8.10 12.69 32.20
CA GLN B 206 -6.83 13.36 31.94
C GLN B 206 -7.01 14.86 31.76
N PRO B 207 -5.97 15.62 32.10
CA PRO B 207 -5.80 16.94 31.48
C PRO B 207 -5.28 16.68 30.07
N VAL B 208 -5.86 17.32 29.07
CA VAL B 208 -5.37 17.11 27.71
C VAL B 208 -4.63 18.34 27.21
N THR B 209 -3.50 18.09 26.56
CA THR B 209 -2.64 19.14 26.05
C THR B 209 -2.46 18.94 24.57
N CYS B 210 -2.71 19.97 23.78
CA CYS B 210 -2.48 19.86 22.35
C CYS B 210 -1.09 20.39 22.06
N ASN B 211 -0.37 19.67 21.21
CA ASN B 211 0.98 20.05 20.85
C ASN B 211 1.01 20.48 19.39
N VAL B 212 1.31 21.75 19.19
CA VAL B 212 1.23 22.35 17.88
C VAL B 212 2.64 22.69 17.44
N ALA B 213 3.00 22.26 16.24
CA ALA B 213 4.30 22.54 15.70
C ALA B 213 4.11 23.30 14.40
N HIS B 214 4.89 24.36 14.23
CA HIS B 214 4.93 25.10 12.97
C HIS B 214 6.40 25.14 12.56
N PRO B 215 6.85 24.11 11.82
CA PRO B 215 8.28 24.00 11.50
C PRO B 215 8.87 25.22 10.79
N ALA B 216 8.09 25.88 9.94
CA ALA B 216 8.62 27.03 9.18
C ALA B 216 9.05 28.23 10.05
N THR B 217 8.46 28.39 11.21
CA THR B 217 8.95 29.43 12.12
C THR B 217 9.60 28.83 13.37
N ASN B 218 9.95 27.55 13.32
CA ASN B 218 10.67 26.88 14.40
C ASN B 218 9.93 26.93 15.73
N THR B 219 8.62 26.74 15.65
CA THR B 219 7.73 27.00 16.77
C THR B 219 7.01 25.76 17.26
N LYS B 220 6.94 25.59 18.57
CA LYS B 220 6.12 24.54 19.15
C LYS B 220 5.36 25.13 20.32
N VAL B 221 4.04 24.93 20.34
CA VAL B 221 3.20 25.45 21.40
C VAL B 221 2.50 24.27 22.06
N ASP B 222 2.64 24.15 23.37
CA ASP B 222 1.78 23.23 24.11
C ASP B 222 0.67 24.03 24.77
N LYS B 223 -0.57 23.64 24.54
CA LYS B 223 -1.70 24.29 25.19
C LYS B 223 -2.51 23.27 25.98
N THR B 224 -2.56 23.43 27.31
CA THR B 224 -3.37 22.56 28.15
C THR B 224 -4.79 23.10 28.22
N VAL B 225 -5.76 22.26 27.84
CA VAL B 225 -7.12 22.71 27.69
C VAL B 225 -8.00 22.07 28.75
N ALA B 226 -8.82 22.89 29.41
CA ALA B 226 -9.81 22.34 30.33
C ALA B 226 -11.13 23.10 30.24
N PRO B 227 -12.23 22.46 30.67
CA PRO B 227 -13.55 23.08 30.71
C PRO B 227 -13.88 23.58 32.11
N ASP C 1 11.64 -34.35 -19.81
CA ASP C 1 12.02 -34.45 -21.22
C ASP C 1 13.05 -33.38 -21.60
N ILE C 2 12.69 -32.11 -21.48
CA ILE C 2 13.66 -31.04 -21.59
C ILE C 2 13.90 -30.47 -20.21
N VAL C 3 15.05 -30.79 -19.63
CA VAL C 3 15.29 -30.41 -18.26
C VAL C 3 15.95 -29.04 -18.17
N MET C 4 15.33 -28.12 -17.42
CA MET C 4 15.88 -26.79 -17.27
C MET C 4 16.58 -26.67 -15.92
N THR C 5 17.87 -26.34 -15.95
CA THR C 5 18.64 -26.23 -14.72
C THR C 5 19.06 -24.78 -14.49
N GLN C 6 18.67 -24.22 -13.34
CA GLN C 6 19.05 -22.85 -13.02
C GLN C 6 20.11 -22.82 -11.95
N THR C 7 21.10 -21.99 -12.17
CA THR C 7 22.12 -21.80 -11.15
C THR C 7 22.46 -20.33 -11.15
N PRO C 8 22.91 -19.82 -9.99
CA PRO C 8 22.95 -20.61 -8.76
C PRO C 8 21.54 -20.67 -8.16
N ALA C 9 21.36 -21.45 -7.10
CA ALA C 9 20.05 -21.58 -6.47
C ALA C 9 19.74 -20.30 -5.70
N SER C 10 20.79 -19.64 -5.24
CA SER C 10 20.62 -18.38 -4.53
C SER C 10 21.81 -17.46 -4.75
N VAL C 11 21.55 -16.16 -4.77
CA VAL C 11 22.63 -15.19 -4.95
C VAL C 11 22.30 -13.87 -4.25
N SER C 12 23.31 -13.23 -3.68
CA SER C 12 23.14 -11.92 -3.09
C SER C 12 23.93 -10.90 -3.90
N ALA C 13 23.39 -9.71 -4.06
CA ALA C 13 24.11 -8.65 -4.76
C ALA C 13 23.87 -7.32 -4.07
N ALA C 14 24.92 -6.50 -3.96
CA ALA C 14 24.78 -5.21 -3.31
C ALA C 14 23.90 -4.27 -4.13
N VAL C 15 23.17 -3.39 -3.44
CA VAL C 15 22.40 -2.36 -4.13
C VAL C 15 23.31 -1.59 -5.11
N GLY C 16 22.88 -1.50 -6.37
CA GLY C 16 23.59 -0.75 -7.38
C GLY C 16 24.50 -1.66 -8.21
N GLY C 17 24.70 -2.87 -7.73
CA GLY C 17 25.50 -3.84 -8.44
C GLY C 17 24.73 -4.44 -9.59
N THR C 18 25.27 -5.50 -10.17
CA THR C 18 24.56 -6.23 -11.19
C THR C 18 24.59 -7.71 -10.90
N VAL C 19 23.49 -8.38 -11.24
CA VAL C 19 23.24 -9.77 -10.91
C VAL C 19 23.13 -10.59 -12.20
N THR C 20 23.77 -11.75 -12.23
CA THR C 20 23.68 -12.67 -13.35
C THR C 20 23.15 -14.05 -12.92
N ILE C 21 22.26 -14.61 -13.71
CA ILE C 21 21.55 -15.83 -13.37
C ILE C 21 21.61 -16.73 -14.58
N ASN C 22 21.93 -18.01 -14.38
CA ASN C 22 22.05 -18.91 -15.53
C ASN C 22 20.96 -19.98 -15.66
N CYS C 23 20.66 -20.32 -16.89
CA CYS C 23 19.64 -21.29 -17.21
C CYS C 23 20.22 -22.19 -18.29
N GLN C 24 20.18 -23.50 -18.07
CA GLN C 24 20.68 -24.46 -19.04
C GLN C 24 19.60 -25.45 -19.46
N ALA C 25 19.41 -25.62 -20.76
CA ALA C 25 18.45 -26.60 -21.26
C ALA C 25 19.19 -27.90 -21.61
N SER C 26 18.53 -29.03 -21.38
CA SER C 26 19.20 -30.31 -21.56
C SER C 26 19.37 -30.59 -23.05
N GLU C 27 18.67 -29.78 -23.85
CA GLU C 27 18.77 -29.87 -25.29
C GLU C 27 18.36 -28.52 -25.86
N THR C 28 18.90 -28.18 -27.02
CA THR C 28 18.65 -26.88 -27.62
C THR C 28 17.16 -26.64 -27.69
N ILE C 29 16.77 -25.37 -27.51
CA ILE C 29 15.38 -24.97 -27.52
C ILE C 29 15.27 -23.76 -28.43
N SER C 30 16.38 -23.49 -29.10
CA SER C 30 16.45 -22.45 -30.13
C SER C 30 15.80 -21.13 -29.69
N ASN C 31 16.30 -20.58 -28.59
CA ASN C 31 15.91 -19.26 -28.14
C ASN C 31 14.53 -19.06 -27.52
N TYR C 32 13.71 -20.10 -27.52
CA TYR C 32 12.41 -20.00 -26.88
C TYR C 32 12.57 -20.16 -25.37
N LEU C 33 13.03 -19.08 -24.72
CA LEU C 33 13.34 -19.10 -23.29
C LEU C 33 12.72 -17.85 -22.64
N ALA C 34 11.87 -18.06 -21.63
CA ALA C 34 11.24 -16.93 -20.94
C ALA C 34 11.73 -16.80 -19.50
N TRP C 35 11.79 -15.57 -19.01
CA TRP C 35 12.21 -15.29 -17.64
C TRP C 35 11.05 -14.66 -16.88
N TYR C 36 10.87 -15.04 -15.61
CA TYR C 36 9.83 -14.47 -14.75
C TYR C 36 10.36 -14.04 -13.39
N GLN C 37 9.76 -12.96 -12.86
CA GLN C 37 10.03 -12.52 -11.50
C GLN C 37 8.86 -12.90 -10.59
N GLN C 38 9.15 -13.47 -9.43
CA GLN C 38 8.05 -13.73 -8.50
C GLN C 38 8.37 -13.28 -7.09
N LYS C 39 7.47 -12.48 -6.54
CA LYS C 39 7.53 -12.12 -5.12
C LYS C 39 6.49 -12.93 -4.35
N PRO C 40 6.72 -13.11 -3.04
CA PRO C 40 5.84 -13.95 -2.21
C PRO C 40 4.40 -13.48 -2.24
N GLY C 41 3.48 -14.43 -2.37
CA GLY C 41 2.06 -14.13 -2.37
C GLY C 41 1.56 -13.63 -3.71
N GLN C 42 2.42 -13.61 -4.72
CA GLN C 42 2.04 -13.04 -6.00
C GLN C 42 2.22 -14.04 -7.12
N PRO C 43 1.45 -13.87 -8.20
CA PRO C 43 1.68 -14.72 -9.36
C PRO C 43 2.98 -14.28 -10.02
N PRO C 44 3.62 -15.15 -10.80
CA PRO C 44 4.85 -14.75 -11.49
C PRO C 44 4.57 -13.62 -12.49
N LYS C 45 5.60 -12.83 -12.79
CA LYS C 45 5.50 -11.73 -13.73
C LYS C 45 6.49 -11.93 -14.88
N LEU C 46 5.99 -11.92 -16.11
CA LEU C 46 6.84 -12.10 -17.29
C LEU C 46 7.79 -10.92 -17.47
N LEU C 47 9.08 -11.21 -17.59
CA LEU C 47 10.09 -10.19 -17.86
C LEU C 47 10.53 -10.20 -19.31
N ILE C 48 10.81 -11.40 -19.80
CA ILE C 48 11.46 -11.60 -21.08
C ILE C 48 10.95 -12.87 -21.72
N TYR C 49 10.76 -12.84 -23.04
CA TYR C 49 10.48 -14.04 -23.83
C TYR C 49 11.38 -14.06 -25.04
N LYS C 50 11.32 -15.16 -25.80
CA LYS C 50 12.23 -15.38 -26.91
C LYS C 50 13.68 -15.03 -26.54
N ALA C 51 14.08 -15.43 -25.34
CA ALA C 51 15.45 -15.30 -24.85
C ALA C 51 15.93 -13.89 -24.55
N SER C 52 15.55 -12.91 -25.37
CA SER C 52 16.15 -11.58 -25.26
C SER C 52 15.15 -10.42 -25.38
N THR C 53 13.91 -10.73 -25.72
CA THR C 53 12.90 -9.71 -25.95
C THR C 53 12.24 -9.26 -24.65
N LEU C 54 12.49 -8.02 -24.25
CA LEU C 54 11.91 -7.42 -23.04
C LEU C 54 10.41 -7.15 -23.20
N ALA C 55 9.60 -7.66 -22.27
CA ALA C 55 8.16 -7.44 -22.34
C ALA C 55 7.85 -5.96 -22.15
N SER C 56 6.80 -5.47 -22.79
CA SER C 56 6.49 -4.05 -22.69
C SER C 56 6.10 -3.72 -21.25
N GLY C 57 6.58 -2.59 -20.75
CA GLY C 57 6.30 -2.20 -19.38
C GLY C 57 7.31 -2.72 -18.36
N VAL C 58 8.20 -3.61 -18.78
CA VAL C 58 9.23 -4.12 -17.88
C VAL C 58 10.47 -3.23 -17.96
N SER C 59 11.07 -2.95 -16.80
CA SER C 59 12.32 -2.19 -16.75
C SER C 59 13.38 -2.79 -17.66
N SER C 60 14.06 -1.92 -18.39
CA SER C 60 15.17 -2.35 -19.25
C SER C 60 16.43 -2.69 -18.45
N ARG C 61 16.35 -2.65 -17.13
CA ARG C 61 17.43 -3.14 -16.29
C ARG C 61 17.55 -4.67 -16.40
N PHE C 62 16.50 -5.32 -16.91
CA PHE C 62 16.49 -6.76 -17.11
C PHE C 62 16.89 -7.11 -18.54
N LYS C 63 17.92 -7.94 -18.66
CA LYS C 63 18.46 -8.29 -19.96
C LYS C 63 18.60 -9.80 -20.11
N GLY C 64 17.96 -10.36 -21.13
CA GLY C 64 18.08 -11.78 -21.43
C GLY C 64 19.04 -11.98 -22.60
N SER C 65 19.96 -12.94 -22.46
CA SER C 65 20.86 -13.32 -23.55
C SER C 65 21.05 -14.82 -23.64
N GLY C 66 21.83 -15.23 -24.64
CA GLY C 66 22.20 -16.63 -24.79
C GLY C 66 21.59 -17.28 -26.02
N SER C 67 21.96 -18.53 -26.25
CA SER C 67 21.49 -19.30 -27.39
C SER C 67 21.74 -20.78 -27.12
N GLY C 68 21.18 -21.63 -27.96
CA GLY C 68 21.41 -23.06 -27.86
C GLY C 68 20.84 -23.66 -26.59
N THR C 69 21.72 -23.96 -25.65
CA THR C 69 21.32 -24.56 -24.39
C THR C 69 21.74 -23.70 -23.20
N GLU C 70 22.44 -22.60 -23.45
CA GLU C 70 22.90 -21.74 -22.36
C GLU C 70 22.34 -20.31 -22.40
N TYR C 71 21.48 -19.98 -21.44
CA TYR C 71 20.87 -18.66 -21.37
C TYR C 71 21.18 -17.93 -20.07
N THR C 72 21.04 -16.60 -20.09
CA THR C 72 21.34 -15.80 -18.91
C THR C 72 20.34 -14.66 -18.70
N LEU C 73 20.10 -14.33 -17.43
CA LEU C 73 19.34 -13.14 -17.06
C LEU C 73 20.25 -12.23 -16.26
N THR C 74 20.35 -10.98 -16.69
CA THR C 74 21.24 -10.04 -16.03
C THR C 74 20.41 -8.88 -15.49
N ILE C 75 20.66 -8.47 -14.25
CA ILE C 75 19.97 -7.32 -13.70
C ILE C 75 20.98 -6.23 -13.36
N SER C 76 20.86 -5.08 -14.01
CA SER C 76 21.77 -3.97 -13.75
C SER C 76 21.14 -3.05 -12.71
N GLY C 77 21.96 -2.26 -12.04
CA GLY C 77 21.45 -1.30 -11.07
C GLY C 77 20.49 -1.95 -10.09
N VAL C 78 20.91 -3.09 -9.53
CA VAL C 78 20.09 -3.87 -8.62
C VAL C 78 19.50 -2.95 -7.56
N GLN C 79 18.23 -3.18 -7.25
CA GLN C 79 17.56 -2.38 -6.24
C GLN C 79 16.76 -3.30 -5.30
N CYS C 80 16.48 -2.81 -4.10
CA CYS C 80 15.73 -3.59 -3.12
C CYS C 80 14.47 -4.21 -3.72
N ASP C 81 13.84 -3.51 -4.66
CA ASP C 81 12.63 -3.99 -5.31
C ASP C 81 12.85 -5.23 -6.18
N ASP C 82 14.11 -5.56 -6.46
CA ASP C 82 14.45 -6.76 -7.23
C ASP C 82 14.54 -8.05 -6.38
N ALA C 83 14.55 -7.91 -5.05
CA ALA C 83 14.54 -9.09 -4.19
C ALA C 83 13.29 -9.93 -4.49
N ALA C 84 13.52 -11.18 -4.89
CA ALA C 84 12.46 -11.98 -5.47
C ALA C 84 13.06 -13.29 -5.91
N THR C 85 12.23 -14.19 -6.44
CA THR C 85 12.73 -15.40 -7.06
C THR C 85 12.50 -15.33 -8.57
N TYR C 86 13.52 -15.69 -9.36
CA TYR C 86 13.44 -15.65 -10.82
C TYR C 86 13.44 -17.06 -11.45
N TYR C 87 12.58 -17.27 -12.44
CA TYR C 87 12.44 -18.56 -13.08
C TYR C 87 12.65 -18.43 -14.57
N CYS C 88 13.29 -19.43 -15.18
CA CYS C 88 13.30 -19.52 -16.63
C CYS C 88 12.29 -20.59 -17.08
N GLN C 89 11.95 -20.60 -18.36
CA GLN C 89 10.92 -21.49 -18.85
C GLN C 89 11.05 -21.71 -20.34
N GLN C 90 11.40 -22.93 -20.74
CA GLN C 90 11.55 -23.24 -22.16
C GLN C 90 10.19 -23.27 -22.81
N GLY C 91 10.09 -22.68 -24.00
CA GLY C 91 8.84 -22.60 -24.71
C GLY C 91 8.90 -23.38 -26.01
N TYR C 92 9.96 -24.16 -26.15
CA TYR C 92 10.15 -24.99 -27.34
C TYR C 92 9.11 -26.12 -27.46
N SER C 93 8.92 -26.90 -26.39
CA SER C 93 7.94 -27.99 -26.42
C SER C 93 7.13 -28.17 -25.14
N ILE C 94 5.84 -28.45 -25.31
CA ILE C 94 5.01 -28.90 -24.21
C ILE C 94 4.48 -30.30 -24.51
N SER C 95 5.09 -30.95 -25.50
CA SER C 95 4.77 -32.33 -25.82
C SER C 95 5.66 -33.25 -25.02
N ASP C 96 5.06 -34.11 -24.21
CA ASP C 96 5.80 -35.07 -23.41
C ASP C 96 6.91 -34.42 -22.60
N ILE C 97 6.54 -33.48 -21.74
CA ILE C 97 7.50 -32.82 -20.86
C ILE C 97 7.10 -33.03 -19.40
N ASP C 98 8.07 -32.87 -18.50
CA ASP C 98 7.79 -32.97 -17.07
C ASP C 98 7.41 -31.59 -16.51
N ASN C 99 8.28 -30.61 -16.72
CA ASN C 99 8.09 -29.23 -16.26
C ASN C 99 8.84 -28.29 -17.22
N SER C 100 8.17 -27.26 -17.71
CA SER C 100 8.84 -26.30 -18.59
C SER C 100 9.71 -25.31 -17.81
N PHE C 101 9.48 -25.24 -16.50
CA PHE C 101 10.17 -24.26 -15.67
C PHE C 101 11.47 -24.82 -15.10
N GLY C 102 12.47 -23.94 -14.95
CA GLY C 102 13.62 -24.23 -14.12
C GLY C 102 13.25 -24.18 -12.64
N GLY C 103 14.18 -24.51 -11.77
CA GLY C 103 13.89 -24.59 -10.35
C GLY C 103 13.92 -23.23 -9.65
N GLY C 104 14.36 -22.20 -10.35
CA GLY C 104 14.32 -20.84 -9.83
C GLY C 104 15.56 -20.41 -9.09
N THR C 105 15.81 -19.10 -9.09
CA THR C 105 16.93 -18.55 -8.34
C THR C 105 16.45 -17.45 -7.42
N GLU C 106 16.80 -17.55 -6.14
CA GLU C 106 16.46 -16.52 -5.20
C GLU C 106 17.50 -15.41 -5.25
N VAL C 107 17.04 -14.16 -5.34
CA VAL C 107 17.95 -13.03 -5.32
C VAL C 107 17.76 -12.19 -4.07
N VAL C 108 18.85 -12.05 -3.32
CA VAL C 108 18.85 -11.31 -2.07
C VAL C 108 19.58 -10.01 -2.34
N VAL C 109 18.99 -8.90 -1.92
CA VAL C 109 19.62 -7.61 -2.21
C VAL C 109 20.27 -7.03 -0.96
N LYS C 110 21.56 -6.72 -1.04
CA LYS C 110 22.29 -6.21 0.12
C LYS C 110 22.23 -4.69 0.16
N GLY C 111 21.34 -4.15 1.00
CA GLY C 111 21.25 -2.73 1.21
C GLY C 111 21.96 -2.23 2.46
N ASP C 112 21.47 -1.11 2.98
CA ASP C 112 22.06 -0.51 4.16
C ASP C 112 21.82 -1.35 5.41
N PRO C 113 22.87 -1.53 6.21
CA PRO C 113 22.78 -2.23 7.49
C PRO C 113 21.89 -1.49 8.48
N VAL C 114 21.01 -2.24 9.14
CA VAL C 114 20.22 -1.71 10.24
C VAL C 114 20.21 -2.77 11.32
N ALA C 115 20.46 -2.35 12.56
CA ALA C 115 20.44 -3.27 13.69
C ALA C 115 18.99 -3.46 14.10
N PRO C 116 18.61 -4.68 14.50
CA PRO C 116 17.21 -5.00 14.79
C PRO C 116 16.71 -4.42 16.10
N THR C 117 15.43 -4.10 16.17
CA THR C 117 14.83 -3.86 17.47
C THR C 117 14.24 -5.20 17.97
N VAL C 118 14.59 -5.57 19.19
CA VAL C 118 14.33 -6.92 19.67
C VAL C 118 13.41 -6.87 20.85
N LEU C 119 12.39 -7.72 20.83
CA LEU C 119 11.39 -7.76 21.88
C LEU C 119 10.98 -9.19 22.18
N ILE C 120 10.66 -9.46 23.45
CA ILE C 120 10.17 -10.75 23.87
C ILE C 120 8.77 -10.60 24.46
N PHE C 121 7.91 -11.57 24.20
CA PHE C 121 6.54 -11.52 24.68
C PHE C 121 6.23 -12.76 25.48
N PRO C 122 5.97 -12.59 26.78
CA PRO C 122 5.54 -13.70 27.63
C PRO C 122 4.13 -14.09 27.23
N PRO C 123 3.77 -15.36 27.47
CA PRO C 123 2.46 -15.94 27.11
C PRO C 123 1.33 -15.21 27.81
N ALA C 124 0.29 -14.87 27.07
CA ALA C 124 -0.89 -14.28 27.66
C ALA C 124 -1.40 -15.15 28.82
N ALA C 125 -2.10 -14.52 29.75
CA ALA C 125 -2.64 -15.20 30.93
C ALA C 125 -3.41 -16.47 30.56
N ASP C 126 -4.21 -16.38 29.50
CA ASP C 126 -5.10 -17.48 29.13
C ASP C 126 -4.47 -18.59 28.31
N GLN C 127 -3.16 -18.58 28.14
CA GLN C 127 -2.50 -19.61 27.33
C GLN C 127 -2.35 -20.92 28.06
N VAL C 128 -1.88 -20.86 29.30
CA VAL C 128 -1.43 -22.05 30.01
C VAL C 128 -2.59 -23.02 30.31
N ALA C 129 -3.80 -22.48 30.50
CA ALA C 129 -5.02 -23.29 30.60
C ALA C 129 -5.27 -24.20 29.38
N THR C 130 -4.78 -23.80 28.21
CA THR C 130 -5.00 -24.61 27.01
C THR C 130 -4.06 -25.80 26.94
N GLY C 131 -3.14 -25.91 27.89
CA GLY C 131 -2.19 -27.03 27.85
C GLY C 131 -0.90 -26.79 27.11
N THR C 132 -0.84 -25.74 26.29
CA THR C 132 0.39 -25.39 25.58
C THR C 132 0.80 -23.92 25.76
N VAL C 133 2.11 -23.66 25.85
CA VAL C 133 2.59 -22.29 26.04
C VAL C 133 3.49 -21.87 24.89
N THR C 134 3.19 -20.71 24.28
CA THR C 134 3.99 -20.22 23.16
C THR C 134 4.61 -18.87 23.46
N ILE C 135 5.93 -18.80 23.43
CA ILE C 135 6.64 -17.55 23.68
C ILE C 135 7.16 -16.96 22.38
N VAL C 136 6.94 -15.67 22.17
CA VAL C 136 7.28 -15.05 20.90
C VAL C 136 8.37 -14.01 21.07
N CYS C 137 9.42 -14.15 20.27
CA CYS C 137 10.48 -13.15 20.19
C CYS C 137 10.51 -12.52 18.79
N VAL C 138 10.70 -11.21 18.71
CA VAL C 138 10.77 -10.56 17.41
C VAL C 138 12.02 -9.70 17.27
N ALA C 139 12.58 -9.74 16.07
CA ALA C 139 13.61 -8.80 15.62
C ALA C 139 13.00 -8.03 14.45
N ASN C 140 12.69 -6.75 14.67
CA ASN C 140 12.09 -5.94 13.61
C ASN C 140 13.11 -5.09 12.85
N LYS C 141 12.89 -4.98 11.55
CA LYS C 141 13.59 -4.02 10.68
C LYS C 141 15.11 -4.09 10.79
N TYR C 142 15.71 -5.08 10.15
CA TYR C 142 17.15 -5.23 10.25
C TYR C 142 17.73 -5.73 8.94
N PHE C 143 19.02 -5.46 8.75
CA PHE C 143 19.80 -6.09 7.70
C PHE C 143 21.27 -5.91 8.10
N PRO C 144 22.12 -6.92 7.87
CA PRO C 144 21.88 -8.23 7.25
C PRO C 144 21.29 -9.25 8.24
N ASP C 145 21.26 -10.53 7.86
CA ASP C 145 20.62 -11.58 8.65
C ASP C 145 21.10 -11.66 10.09
N VAL C 146 20.22 -12.15 10.96
CA VAL C 146 20.56 -12.36 12.36
C VAL C 146 20.51 -13.84 12.71
N THR C 147 21.01 -14.16 13.89
CA THR C 147 20.89 -15.50 14.44
C THR C 147 20.15 -15.37 15.76
N VAL C 148 19.30 -16.34 16.06
CA VAL C 148 18.52 -16.30 17.29
C VAL C 148 18.84 -17.49 18.15
N THR C 149 19.07 -17.21 19.43
CA THR C 149 19.38 -18.24 20.41
C THR C 149 18.41 -18.11 21.57
N TRP C 150 17.92 -19.24 22.08
CA TRP C 150 17.03 -19.25 23.24
C TRP C 150 17.69 -19.92 24.44
N GLU C 151 17.33 -19.48 25.64
CA GLU C 151 17.78 -20.11 26.87
C GLU C 151 16.66 -20.16 27.86
N VAL C 152 16.59 -21.27 28.58
CA VAL C 152 15.61 -21.45 29.65
C VAL C 152 16.40 -21.74 30.93
N ASP C 153 16.29 -20.84 31.91
CA ASP C 153 17.10 -20.96 33.13
C ASP C 153 18.56 -21.23 32.78
N GLY C 154 19.08 -20.48 31.81
CA GLY C 154 20.49 -20.52 31.47
C GLY C 154 20.88 -21.68 30.59
N THR C 155 19.93 -22.54 30.28
CA THR C 155 20.18 -23.67 29.38
C THR C 155 19.68 -23.40 27.97
N THR C 156 20.57 -23.53 26.99
CA THR C 156 20.21 -23.30 25.59
C THR C 156 19.09 -24.22 25.09
N GLN C 157 17.92 -23.63 24.78
CA GLN C 157 16.82 -24.38 24.17
C GLN C 157 17.21 -24.79 22.78
N THR C 158 16.90 -26.03 22.41
CA THR C 158 17.33 -26.55 21.13
C THR C 158 16.18 -27.23 20.38
N THR C 159 15.01 -27.22 20.98
CA THR C 159 13.83 -27.82 20.37
C THR C 159 12.64 -26.88 20.60
N GLY C 160 11.57 -27.10 19.85
CA GLY C 160 10.37 -26.30 20.01
C GLY C 160 10.47 -24.88 19.46
N ILE C 161 11.46 -24.64 18.62
CA ILE C 161 11.69 -23.31 18.07
C ILE C 161 11.29 -23.24 16.60
N GLU C 162 10.52 -22.21 16.24
CA GLU C 162 10.19 -21.94 14.84
C GLU C 162 10.47 -20.48 14.50
N ASN C 163 11.23 -20.29 13.43
CA ASN C 163 11.53 -18.95 12.95
C ASN C 163 10.77 -18.62 11.67
N SER C 164 10.39 -17.36 11.54
CA SER C 164 9.68 -16.92 10.35
C SER C 164 10.15 -15.53 9.94
N LYS C 165 10.79 -15.44 8.78
CA LYS C 165 11.38 -14.19 8.31
C LYS C 165 10.57 -13.64 7.14
N THR C 166 10.24 -12.36 7.19
CA THR C 166 9.50 -11.73 6.09
C THR C 166 10.36 -11.60 4.84
N PRO C 167 9.70 -11.35 3.70
CA PRO C 167 10.44 -10.95 2.51
C PRO C 167 11.16 -9.62 2.78
N GLN C 168 12.22 -9.35 2.03
CA GLN C 168 12.91 -8.06 2.14
C GLN C 168 12.00 -6.90 1.81
N ASN C 169 12.02 -5.88 2.65
CA ASN C 169 11.26 -4.68 2.35
C ASN C 169 11.65 -4.19 0.94
N SER C 170 10.65 -3.95 0.10
CA SER C 170 10.91 -3.66 -1.30
C SER C 170 11.44 -2.25 -1.50
N ALA C 171 11.54 -1.47 -0.42
CA ALA C 171 12.13 -0.15 -0.52
C ALA C 171 13.51 -0.08 0.14
N ASP C 172 13.66 -0.70 1.31
CA ASP C 172 14.89 -0.56 2.08
C ASP C 172 15.64 -1.87 2.36
N CYS C 173 15.17 -2.98 1.79
CA CYS C 173 15.87 -4.26 1.87
C CYS C 173 15.81 -4.98 3.23
N THR C 174 15.20 -4.38 4.23
CA THR C 174 15.22 -4.97 5.58
C THR C 174 14.24 -6.14 5.78
N TYR C 175 14.54 -6.94 6.80
CA TYR C 175 13.68 -8.04 7.23
C TYR C 175 12.98 -7.75 8.54
N ASN C 176 11.94 -8.53 8.83
CA ASN C 176 11.45 -8.69 10.19
C ASN C 176 11.46 -10.20 10.49
N LEU C 177 11.68 -10.57 11.74
CA LEU C 177 11.81 -11.98 12.07
C LEU C 177 11.02 -12.26 13.34
N SER C 178 10.26 -13.34 13.35
CA SER C 178 9.73 -13.84 14.61
C SER C 178 10.37 -15.19 14.94
N SER C 179 10.67 -15.37 16.22
CA SER C 179 11.14 -16.66 16.71
C SER C 179 10.18 -17.08 17.81
N THR C 180 9.61 -18.27 17.66
CA THR C 180 8.63 -18.74 18.62
C THR C 180 9.11 -19.99 19.36
N LEU C 181 9.02 -19.94 20.70
CA LEU C 181 9.34 -21.10 21.54
C LEU C 181 8.03 -21.70 22.08
N THR C 182 7.76 -22.96 21.75
CA THR C 182 6.54 -23.64 22.20
C THR C 182 6.84 -24.73 23.23
N LEU C 183 6.07 -24.75 24.31
CA LEU C 183 6.26 -25.71 25.41
C LEU C 183 4.93 -26.17 25.98
N THR C 184 4.95 -27.29 26.68
CA THR C 184 3.74 -27.74 27.38
C THR C 184 3.54 -26.83 28.59
N SER C 185 2.30 -26.69 29.04
CA SER C 185 2.05 -25.89 30.23
C SER C 185 2.95 -26.38 31.34
N THR C 186 3.10 -27.70 31.45
CA THR C 186 3.93 -28.27 32.51
C THR C 186 5.38 -27.82 32.41
N GLN C 187 6.00 -28.02 31.24
CA GLN C 187 7.39 -27.58 31.03
C GLN C 187 7.58 -26.09 31.32
N TYR C 188 6.66 -25.27 30.83
CA TYR C 188 6.74 -23.84 31.10
C TYR C 188 6.71 -23.55 32.60
N ASN C 189 5.79 -24.20 33.32
CA ASN C 189 5.65 -23.96 34.75
C ASN C 189 6.84 -24.48 35.58
N SER C 190 7.66 -25.33 34.97
CA SER C 190 8.79 -25.94 35.68
C SER C 190 10.05 -25.07 35.65
N HIS C 191 10.05 -24.02 34.83
CA HIS C 191 11.22 -23.15 34.73
C HIS C 191 10.86 -21.68 35.00
N LYS C 192 11.89 -20.86 35.19
CA LYS C 192 11.65 -19.49 35.63
C LYS C 192 12.03 -18.42 34.59
N GLU C 193 13.27 -18.48 34.10
CA GLU C 193 13.79 -17.41 33.28
C GLU C 193 13.86 -17.78 31.81
N TYR C 194 13.13 -17.04 31.00
CA TYR C 194 13.12 -17.28 29.55
C TYR C 194 13.84 -16.15 28.80
N THR C 195 14.73 -16.55 27.89
CA THR C 195 15.61 -15.60 27.26
C THR C 195 15.70 -15.79 25.76
N CYS C 196 15.54 -14.69 25.05
CA CYS C 196 15.73 -14.67 23.62
C CYS C 196 16.93 -13.79 23.32
N LYS C 197 17.91 -14.32 22.60
CA LYS C 197 19.08 -13.55 22.20
C LYS C 197 19.16 -13.45 20.66
N VAL C 198 19.24 -12.22 20.17
CA VAL C 198 19.33 -11.97 18.73
C VAL C 198 20.68 -11.38 18.39
N THR C 199 21.44 -12.09 17.58
CA THR C 199 22.80 -11.67 17.29
C THR C 199 22.93 -11.26 15.84
N GLN C 200 23.46 -10.06 15.61
CA GLN C 200 23.79 -9.58 14.29
C GLN C 200 25.28 -9.21 14.19
N GLY C 201 26.07 -10.07 13.58
CA GLY C 201 27.51 -9.83 13.48
C GLY C 201 28.10 -9.80 14.89
N THR C 202 28.69 -8.67 15.29
CA THR C 202 29.28 -8.59 16.62
C THR C 202 28.40 -7.85 17.62
N THR C 203 27.15 -7.59 17.27
CA THR C 203 26.21 -6.99 18.22
C THR C 203 25.10 -7.98 18.56
N SER C 204 24.74 -8.06 19.84
CA SER C 204 23.56 -8.83 20.24
C SER C 204 22.61 -8.05 21.15
N VAL C 205 21.34 -8.41 21.12
CA VAL C 205 20.39 -7.91 22.10
C VAL C 205 19.78 -9.13 22.79
N VAL C 206 19.75 -9.10 24.12
CA VAL C 206 19.22 -10.18 24.91
C VAL C 206 17.98 -9.68 25.65
N GLN C 207 16.84 -10.33 25.39
CA GLN C 207 15.62 -10.00 26.10
C GLN C 207 15.18 -11.19 26.96
N SER C 208 14.85 -10.92 28.22
CA SER C 208 14.44 -11.97 29.15
C SER C 208 13.16 -11.60 29.88
N PHE C 209 12.52 -12.59 30.46
CA PHE C 209 11.49 -12.34 31.44
C PHE C 209 11.51 -13.48 32.46
N ASN C 210 10.89 -13.24 33.60
CA ASN C 210 10.74 -14.31 34.56
C ASN C 210 9.27 -14.66 34.73
N ARG C 211 8.95 -15.93 34.49
CA ARG C 211 7.59 -16.41 34.74
C ARG C 211 7.24 -16.15 36.20
N GLY C 212 6.20 -15.37 36.44
CA GLY C 212 5.89 -14.98 37.80
C GLY C 212 5.87 -13.48 37.94
N ASP C 213 6.85 -12.82 37.32
CA ASP C 213 6.84 -11.37 37.22
C ASP C 213 5.89 -10.97 36.09
N CYS C 214 5.43 -11.97 35.34
CA CYS C 214 4.54 -11.74 34.20
C CYS C 214 3.25 -12.55 34.32
N GLN D 1 -8.86 -8.34 -19.82
CA GLN D 1 -7.79 -9.32 -19.79
C GLN D 1 -7.36 -9.55 -18.35
N SER D 2 -8.11 -10.38 -17.65
CA SER D 2 -7.75 -10.79 -16.31
C SER D 2 -8.27 -12.20 -16.10
N LEU D 3 -7.61 -12.96 -15.23
CA LEU D 3 -8.03 -14.32 -14.93
C LEU D 3 -8.37 -14.44 -13.45
N GLU D 4 -9.34 -15.29 -13.14
CA GLU D 4 -9.62 -15.60 -11.75
C GLU D 4 -9.87 -17.09 -11.52
N GLU D 5 -9.06 -17.69 -10.67
CA GLU D 5 -9.24 -19.09 -10.29
C GLU D 5 -10.20 -19.19 -9.12
N SER D 6 -10.99 -20.27 -9.10
CA SER D 6 -11.83 -20.60 -7.95
C SER D 6 -11.92 -22.12 -7.77
N GLY D 7 -12.47 -22.58 -6.66
CA GLY D 7 -12.64 -24.00 -6.42
C GLY D 7 -11.66 -24.58 -5.40
N GLY D 8 -10.65 -23.81 -5.03
CA GLY D 8 -9.71 -24.24 -4.01
C GLY D 8 -10.38 -24.56 -2.68
N ASP D 9 -9.90 -25.61 -2.02
CA ASP D 9 -10.53 -26.08 -0.79
C ASP D 9 -9.56 -26.97 -0.01
N LEU D 10 -9.94 -27.28 1.23
CA LEU D 10 -9.27 -28.30 2.02
C LEU D 10 -10.02 -29.60 1.80
N VAL D 11 -9.30 -30.62 1.34
CA VAL D 11 -9.88 -31.94 1.14
C VAL D 11 -8.98 -33.03 1.72
N LYS D 12 -9.53 -34.23 1.87
CA LYS D 12 -8.76 -35.33 2.42
C LYS D 12 -7.97 -36.07 1.33
N PRO D 13 -6.87 -36.71 1.71
CA PRO D 13 -6.16 -37.56 0.74
C PRO D 13 -7.13 -38.54 0.08
N GLY D 14 -7.00 -38.74 -1.23
CA GLY D 14 -7.90 -39.62 -1.95
C GLY D 14 -9.05 -38.90 -2.65
N ALA D 15 -9.31 -37.65 -2.26
CA ALA D 15 -10.47 -36.94 -2.79
C ALA D 15 -10.20 -36.46 -4.20
N SER D 16 -11.26 -36.09 -4.91
CA SER D 16 -11.14 -35.35 -6.16
C SER D 16 -11.53 -33.92 -5.89
N LEU D 17 -11.11 -33.02 -6.78
CA LEU D 17 -11.46 -31.61 -6.64
C LEU D 17 -11.42 -30.99 -8.04
N THR D 18 -12.36 -30.11 -8.33
CA THR D 18 -12.36 -29.44 -9.62
C THR D 18 -12.19 -27.93 -9.46
N LEU D 19 -11.16 -27.39 -10.10
CA LEU D 19 -10.88 -25.97 -10.08
C LEU D 19 -11.40 -25.32 -11.36
N THR D 20 -11.73 -24.05 -11.26
CA THR D 20 -12.23 -23.34 -12.42
C THR D 20 -11.46 -22.06 -12.60
N CYS D 21 -11.13 -21.75 -13.84
CA CYS D 21 -10.51 -20.50 -14.20
C CYS D 21 -11.48 -19.71 -15.07
N THR D 22 -11.84 -18.51 -14.62
CA THR D 22 -12.76 -17.67 -15.37
C THR D 22 -12.05 -16.48 -15.99
N ALA D 23 -12.23 -16.31 -17.29
CA ALA D 23 -11.62 -15.19 -17.99
C ALA D 23 -12.55 -13.99 -17.96
N SER D 24 -11.99 -12.80 -17.74
CA SER D 24 -12.73 -11.56 -17.89
C SER D 24 -12.02 -10.65 -18.88
N GLY D 25 -12.81 -9.91 -19.67
CA GLY D 25 -12.25 -8.91 -20.56
C GLY D 25 -11.65 -9.50 -21.83
N PHE D 26 -11.85 -10.80 -22.03
CA PHE D 26 -11.52 -11.46 -23.29
C PHE D 26 -12.18 -12.84 -23.31
N SER D 27 -12.15 -13.48 -24.46
CA SER D 27 -12.67 -14.85 -24.53
C SER D 27 -11.69 -15.68 -25.35
N PHE D 28 -11.81 -17.00 -25.26
CA PHE D 28 -10.78 -17.89 -25.79
C PHE D 28 -10.76 -17.90 -27.32
N THR D 29 -9.57 -17.77 -27.89
CA THR D 29 -9.41 -17.82 -29.33
C THR D 29 -8.18 -18.66 -29.68
N ASN D 30 -8.05 -19.00 -30.96
CA ASN D 30 -6.94 -19.81 -31.44
C ASN D 30 -5.59 -19.12 -31.27
N ASN D 31 -5.57 -18.01 -30.56
CA ASN D 31 -4.33 -17.25 -30.44
C ASN D 31 -3.43 -17.64 -29.25
N TYR D 32 -3.94 -18.51 -28.38
CA TYR D 32 -3.15 -18.98 -27.24
C TYR D 32 -3.76 -20.22 -26.61
N TYR D 33 -3.00 -20.84 -25.70
CA TYR D 33 -3.55 -21.90 -24.87
C TYR D 33 -3.93 -21.30 -23.53
N MET D 34 -4.82 -22.01 -22.81
CA MET D 34 -5.13 -21.72 -21.42
C MET D 34 -4.56 -22.86 -20.59
N CYS D 35 -3.81 -22.52 -19.54
CA CYS D 35 -3.03 -23.50 -18.80
C CYS D 35 -3.16 -23.44 -17.28
N TRP D 36 -2.72 -24.49 -16.62
CA TRP D 36 -2.62 -24.49 -15.16
C TRP D 36 -1.19 -24.70 -14.73
N VAL D 37 -0.78 -23.93 -13.73
CA VAL D 37 0.54 -24.02 -13.14
C VAL D 37 0.38 -23.97 -11.64
N ARG D 38 1.14 -24.78 -10.92
CA ARG D 38 0.98 -24.83 -9.48
C ARG D 38 2.28 -24.59 -8.75
N GLN D 39 2.17 -24.35 -7.45
CA GLN D 39 3.32 -24.01 -6.63
C GLN D 39 3.05 -24.37 -5.19
N ALA D 40 3.76 -25.39 -4.74
CA ALA D 40 3.65 -25.82 -3.35
C ALA D 40 4.33 -24.77 -2.49
N PRO D 41 3.89 -24.64 -1.22
CA PRO D 41 4.44 -23.56 -0.39
C PRO D 41 5.95 -23.65 -0.31
N GLY D 42 6.63 -22.55 -0.64
CA GLY D 42 8.07 -22.48 -0.55
C GLY D 42 8.81 -23.25 -1.64
N LYS D 43 8.09 -23.65 -2.68
CA LYS D 43 8.72 -24.42 -3.76
C LYS D 43 8.59 -23.72 -5.12
N GLY D 44 9.04 -24.40 -6.18
CA GLY D 44 9.07 -23.80 -7.49
C GLY D 44 7.78 -23.93 -8.29
N LEU D 45 7.72 -23.27 -9.45
CA LEU D 45 6.58 -23.37 -10.35
C LEU D 45 6.59 -24.70 -11.07
N GLU D 46 5.43 -25.36 -11.11
CA GLU D 46 5.26 -26.60 -11.85
C GLU D 46 4.17 -26.45 -12.88
N TRP D 47 4.52 -26.58 -14.15
CA TRP D 47 3.51 -26.60 -15.19
C TRP D 47 2.66 -27.86 -15.04
N ILE D 48 1.35 -27.75 -15.30
CA ILE D 48 0.46 -28.90 -15.19
C ILE D 48 -0.12 -29.36 -16.52
N ALA D 49 -0.84 -28.47 -17.18
CA ALA D 49 -1.58 -28.82 -18.39
C ALA D 49 -1.95 -27.58 -19.20
N CYS D 50 -2.28 -27.78 -20.47
CA CYS D 50 -2.62 -26.70 -21.38
C CYS D 50 -3.75 -27.13 -22.30
N ILE D 51 -4.68 -26.23 -22.59
CA ILE D 51 -5.73 -26.50 -23.57
C ILE D 51 -5.87 -25.36 -24.57
N TYR D 52 -5.93 -25.72 -25.84
CA TYR D 52 -5.99 -24.77 -26.96
C TYR D 52 -7.22 -23.86 -26.89
N GLY D 53 -7.00 -22.58 -27.12
CA GLY D 53 -8.11 -21.63 -27.13
C GLY D 53 -8.94 -21.72 -28.39
N GLY D 54 -8.32 -22.20 -29.47
CA GLY D 54 -8.97 -22.36 -30.75
C GLY D 54 -10.03 -23.45 -30.80
N GLY D 55 -10.58 -23.68 -31.98
CA GLY D 55 -11.67 -24.61 -32.14
C GLY D 55 -11.25 -26.06 -32.06
N ARG D 56 -10.06 -26.37 -32.57
CA ARG D 56 -9.54 -27.73 -32.51
C ARG D 56 -9.38 -28.14 -31.04
N ASP D 57 -9.61 -29.42 -30.77
CA ASP D 57 -9.36 -29.94 -29.44
C ASP D 57 -7.92 -30.41 -29.31
N ILE D 58 -7.09 -29.57 -28.71
CA ILE D 58 -5.69 -29.94 -28.49
C ILE D 58 -5.30 -29.67 -27.05
N VAL D 59 -4.78 -30.69 -26.38
CA VAL D 59 -4.41 -30.57 -24.98
C VAL D 59 -3.09 -31.28 -24.67
N PHE D 60 -2.28 -30.66 -23.81
CA PHE D 60 -1.00 -31.21 -23.40
C PHE D 60 -0.93 -31.32 -21.88
N TYR D 61 -0.31 -32.39 -21.39
CA TYR D 61 -0.17 -32.61 -19.97
C TYR D 61 1.26 -32.81 -19.56
N ALA D 62 1.62 -32.30 -18.38
CA ALA D 62 2.88 -32.64 -17.77
C ALA D 62 2.85 -34.16 -17.59
N THR D 63 4.02 -34.79 -17.59
CA THR D 63 4.05 -36.24 -17.60
C THR D 63 3.56 -36.83 -16.28
N TRP D 64 3.67 -36.08 -15.18
CA TRP D 64 3.13 -36.53 -13.89
C TRP D 64 1.62 -36.28 -13.75
N ALA D 65 1.05 -35.49 -14.65
CA ALA D 65 -0.35 -35.09 -14.52
C ALA D 65 -1.29 -35.97 -15.34
N LYS D 66 -0.82 -36.37 -16.51
CA LYS D 66 -1.64 -37.15 -17.43
C LYS D 66 -2.05 -38.47 -16.78
N GLY D 67 -3.34 -38.67 -16.62
CA GLY D 67 -3.83 -39.89 -16.02
C GLY D 67 -4.46 -39.64 -14.67
N ARG D 68 -4.26 -38.42 -14.15
CA ARG D 68 -4.75 -38.08 -12.83
C ARG D 68 -5.43 -36.70 -12.77
N PHE D 69 -4.99 -35.79 -13.64
CA PHE D 69 -5.60 -34.47 -13.79
C PHE D 69 -6.19 -34.32 -15.20
N THR D 70 -7.36 -33.71 -15.32
CA THR D 70 -7.97 -33.49 -16.63
C THR D 70 -8.28 -32.00 -16.86
N ILE D 71 -7.77 -31.42 -17.95
CA ILE D 71 -8.07 -30.02 -18.25
C ILE D 71 -9.16 -29.90 -19.34
N SER D 72 -10.09 -28.98 -19.14
CA SER D 72 -11.26 -28.87 -20.02
C SER D 72 -11.60 -27.41 -20.31
N LYS D 73 -12.16 -27.19 -21.49
CA LYS D 73 -12.76 -25.91 -21.84
C LYS D 73 -14.28 -26.06 -21.67
N THR D 74 -14.87 -25.36 -20.72
CA THR D 74 -16.29 -25.53 -20.44
C THR D 74 -17.14 -24.39 -21.02
N SER D 75 -16.48 -23.39 -21.56
CA SER D 75 -17.14 -22.27 -22.22
C SER D 75 -16.06 -21.41 -22.84
N SER D 76 -16.41 -20.29 -23.45
CA SER D 76 -15.40 -19.43 -24.05
C SER D 76 -14.72 -18.54 -23.00
N THR D 77 -15.20 -18.61 -21.76
CA THR D 77 -14.53 -17.88 -20.69
C THR D 77 -14.13 -18.75 -19.48
N THR D 78 -14.40 -20.05 -19.55
CA THR D 78 -14.10 -20.93 -18.43
C THR D 78 -13.33 -22.20 -18.84
N VAL D 79 -12.30 -22.54 -18.07
CA VAL D 79 -11.65 -23.84 -18.19
C VAL D 79 -11.55 -24.46 -16.80
N THR D 80 -11.58 -25.78 -16.74
CA THR D 80 -11.50 -26.44 -15.47
C THR D 80 -10.29 -27.36 -15.39
N LEU D 81 -9.87 -27.67 -14.17
CA LEU D 81 -8.88 -28.70 -13.93
C LEU D 81 -9.50 -29.65 -12.93
N GLN D 82 -9.80 -30.86 -13.37
CA GLN D 82 -10.32 -31.92 -12.50
C GLN D 82 -9.17 -32.71 -11.93
N MET D 83 -9.05 -32.74 -10.61
CA MET D 83 -7.95 -33.47 -9.99
C MET D 83 -8.48 -34.69 -9.24
N THR D 84 -7.83 -35.83 -9.39
CA THR D 84 -8.26 -37.02 -8.67
C THR D 84 -7.13 -37.58 -7.83
N SER D 85 -7.47 -38.44 -6.89
CA SER D 85 -6.48 -39.11 -6.05
C SER D 85 -5.46 -38.15 -5.43
N LEU D 86 -5.96 -37.07 -4.85
CA LEU D 86 -5.11 -36.04 -4.25
C LEU D 86 -4.33 -36.55 -3.05
N THR D 87 -3.13 -36.01 -2.88
CA THR D 87 -2.32 -36.32 -1.70
C THR D 87 -1.77 -35.02 -1.13
N ALA D 88 -1.18 -35.07 0.06
CA ALA D 88 -0.51 -33.92 0.64
C ALA D 88 0.45 -33.23 -0.31
N ALA D 89 1.05 -34.00 -1.23
CA ALA D 89 2.02 -33.46 -2.19
C ALA D 89 1.35 -32.59 -3.24
N ASP D 90 0.03 -32.65 -3.32
CA ASP D 90 -0.70 -31.80 -4.26
C ASP D 90 -1.15 -30.49 -3.63
N THR D 91 -0.84 -30.31 -2.34
CA THR D 91 -1.12 -29.05 -1.64
C THR D 91 -0.31 -27.94 -2.32
N ALA D 92 -0.96 -26.86 -2.70
CA ALA D 92 -0.31 -25.84 -3.50
C ALA D 92 -1.27 -24.69 -3.79
N THR D 93 -0.70 -23.57 -4.22
CA THR D 93 -1.51 -22.57 -4.90
C THR D 93 -1.59 -22.95 -6.39
N TYR D 94 -2.79 -22.92 -6.95
CA TYR D 94 -3.02 -23.27 -8.34
C TYR D 94 -3.35 -22.05 -9.18
N PHE D 95 -2.48 -21.74 -10.14
CA PHE D 95 -2.66 -20.57 -10.99
C PHE D 95 -3.19 -20.98 -12.37
N CYS D 96 -4.12 -20.19 -12.86
CA CYS D 96 -4.52 -20.23 -14.25
C CYS D 96 -3.66 -19.21 -14.98
N ALA D 97 -3.24 -19.53 -16.20
CA ALA D 97 -2.42 -18.63 -16.97
C ALA D 97 -2.74 -18.75 -18.45
N ARG D 98 -2.62 -17.63 -19.16
CA ARG D 98 -2.78 -17.64 -20.60
C ARG D 98 -1.42 -17.80 -21.26
N GLU D 99 -1.34 -18.72 -22.21
CA GLU D 99 -0.06 -19.02 -22.84
C GLU D 99 -0.04 -18.55 -24.28
N ASN D 100 0.88 -17.66 -24.58
CA ASN D 100 1.06 -17.19 -25.95
C ASN D 100 1.95 -18.15 -26.71
N PHE D 101 1.88 -18.11 -28.04
CA PHE D 101 2.70 -18.98 -28.87
C PHE D 101 2.83 -18.47 -30.30
N ASP D 102 3.93 -18.84 -30.95
CA ASP D 102 4.12 -18.56 -32.36
C ASP D 102 3.72 -19.74 -33.22
N ALA D 103 2.87 -19.48 -34.21
CA ALA D 103 2.59 -20.48 -35.23
C ALA D 103 3.81 -20.61 -36.14
N VAL D 104 4.28 -21.84 -36.31
CA VAL D 104 5.43 -22.11 -37.15
C VAL D 104 5.16 -23.33 -38.04
N GLY D 105 5.48 -23.19 -39.33
CA GLY D 105 5.10 -24.19 -40.32
C GLY D 105 4.22 -23.56 -41.38
N VAL D 106 4.15 -24.17 -42.56
CA VAL D 106 3.51 -23.53 -43.71
C VAL D 106 1.97 -23.66 -43.74
N GLY D 107 1.48 -24.85 -44.02
CA GLY D 107 0.04 -25.04 -44.16
C GLY D 107 -0.53 -26.14 -43.29
N GLY D 108 -0.26 -27.39 -43.67
CA GLY D 108 -0.74 -28.54 -42.93
C GLY D 108 0.30 -29.64 -42.93
N GLY D 109 0.89 -29.89 -41.76
CA GLY D 109 0.49 -29.21 -40.55
C GLY D 109 1.45 -28.16 -40.04
N THR D 110 0.91 -27.00 -39.70
CA THR D 110 1.67 -25.96 -39.01
C THR D 110 1.45 -26.15 -37.51
N TYR D 111 2.49 -25.90 -36.71
CA TYR D 111 2.44 -26.20 -35.29
C TYR D 111 2.78 -25.02 -34.37
N SER D 112 2.23 -25.04 -33.16
CA SER D 112 2.51 -24.02 -32.15
C SER D 112 3.84 -24.26 -31.44
N THR D 113 4.56 -23.17 -31.19
CA THR D 113 5.82 -23.23 -30.43
C THR D 113 6.08 -21.84 -29.82
N ASP D 114 7.25 -21.65 -29.22
CA ASP D 114 7.55 -20.41 -28.50
C ASP D 114 6.48 -20.11 -27.45
N TYR D 115 6.28 -21.04 -26.52
CA TYR D 115 5.29 -20.88 -25.47
C TYR D 115 5.84 -19.99 -24.36
N TYR D 116 5.04 -19.01 -23.94
CA TYR D 116 5.31 -18.24 -22.74
C TYR D 116 4.01 -17.70 -22.14
N PHE D 117 4.02 -17.39 -20.85
CA PHE D 117 2.82 -16.99 -20.14
C PHE D 117 2.71 -15.47 -19.99
N ASP D 118 1.67 -14.87 -20.57
CA ASP D 118 1.54 -13.40 -20.52
C ASP D 118 0.38 -12.90 -19.67
N LEU D 119 -0.27 -13.81 -18.95
CA LEU D 119 -1.37 -13.45 -18.08
C LEU D 119 -1.54 -14.51 -16.99
N TRP D 120 -1.74 -14.07 -15.75
CA TRP D 120 -1.92 -14.96 -14.61
C TRP D 120 -3.06 -14.48 -13.73
N GLY D 121 -3.78 -15.42 -13.12
CA GLY D 121 -4.72 -15.09 -12.07
C GLY D 121 -3.95 -15.05 -10.76
N PRO D 122 -4.60 -14.61 -9.67
CA PRO D 122 -3.87 -14.55 -8.40
C PRO D 122 -3.75 -15.93 -7.74
N GLY D 123 -4.42 -16.94 -8.30
CA GLY D 123 -4.29 -18.30 -7.80
C GLY D 123 -5.42 -18.75 -6.88
N THR D 124 -5.65 -20.06 -6.83
CA THR D 124 -6.54 -20.62 -5.83
C THR D 124 -5.84 -21.68 -4.98
N LEU D 125 -6.17 -21.73 -3.69
CA LEU D 125 -5.42 -22.56 -2.74
C LEU D 125 -6.02 -23.94 -2.53
N VAL D 126 -5.24 -24.96 -2.84
CA VAL D 126 -5.67 -26.32 -2.59
C VAL D 126 -4.88 -26.87 -1.42
N ILE D 127 -5.58 -27.36 -0.41
CA ILE D 127 -4.91 -27.94 0.74
C ILE D 127 -5.40 -29.39 0.88
N VAL D 128 -4.49 -30.34 0.89
CA VAL D 128 -4.86 -31.74 1.02
C VAL D 128 -4.25 -32.31 2.28
N SER D 129 -5.08 -32.70 3.24
CA SER D 129 -4.60 -33.11 4.55
C SER D 129 -5.64 -33.97 5.25
N SER D 130 -5.21 -34.80 6.18
CA SER D 130 -6.15 -35.64 6.94
C SER D 130 -6.80 -34.86 8.07
N GLY D 131 -6.21 -33.72 8.41
CA GLY D 131 -6.71 -32.91 9.50
C GLY D 131 -7.95 -32.16 9.07
N GLN D 132 -8.88 -31.96 10.00
CA GLN D 132 -10.10 -31.21 9.74
C GLN D 132 -9.81 -29.73 9.85
N PRO D 133 -10.68 -28.89 9.27
CA PRO D 133 -10.47 -27.45 9.42
C PRO D 133 -10.39 -27.14 10.90
N LYS D 134 -9.72 -26.04 11.24
CA LYS D 134 -9.64 -25.61 12.62
C LYS D 134 -9.52 -24.09 12.62
N ALA D 135 -10.33 -23.46 13.44
CA ALA D 135 -10.26 -22.02 13.63
C ALA D 135 -9.10 -21.73 14.58
N PRO D 136 -8.45 -20.58 14.40
CA PRO D 136 -7.32 -20.25 15.26
C PRO D 136 -7.73 -19.83 16.67
N SER D 137 -6.92 -20.17 17.66
CA SER D 137 -6.85 -19.45 18.93
C SER D 137 -6.04 -18.16 18.75
N VAL D 138 -6.46 -17.09 19.40
CA VAL D 138 -5.75 -15.81 19.32
C VAL D 138 -5.34 -15.36 20.71
N PHE D 139 -4.06 -15.12 20.91
CA PHE D 139 -3.51 -14.69 22.19
C PHE D 139 -2.86 -13.33 22.07
N PRO D 140 -3.05 -12.46 23.06
CA PRO D 140 -2.39 -11.17 22.95
C PRO D 140 -0.88 -11.26 23.20
N LEU D 141 -0.13 -10.37 22.57
CA LEU D 141 1.30 -10.22 22.79
C LEU D 141 1.54 -8.84 23.37
N ALA D 142 2.06 -8.79 24.58
CA ALA D 142 2.33 -7.53 25.25
C ALA D 142 3.53 -7.70 26.18
N PRO D 143 4.26 -6.62 26.44
CA PRO D 143 5.47 -6.76 27.25
C PRO D 143 5.15 -7.21 28.67
N CYS D 144 6.08 -7.94 29.26
CA CYS D 144 5.94 -8.44 30.61
C CYS D 144 5.43 -7.34 31.55
N CYS D 145 4.40 -7.68 32.33
CA CYS D 145 3.68 -6.70 33.13
C CYS D 145 4.49 -6.17 34.31
N GLY D 146 5.44 -6.96 34.79
CA GLY D 146 6.34 -6.55 35.84
C GLY D 146 7.35 -5.53 35.35
N ASP D 147 7.45 -5.38 34.03
CA ASP D 147 8.36 -4.42 33.41
C ASP D 147 7.86 -2.99 33.60
N THR D 148 8.80 -2.04 33.61
CA THR D 148 8.48 -0.62 33.64
C THR D 148 8.29 -0.07 32.21
N PRO D 149 7.03 0.29 31.88
CA PRO D 149 6.63 0.71 30.53
C PRO D 149 7.27 2.01 30.03
N SER D 150 7.75 2.00 28.79
CA SER D 150 8.15 3.21 28.09
C SER D 150 6.90 3.92 27.57
N ALA D 151 7.08 4.91 26.71
CA ALA D 151 5.95 5.58 26.08
C ALA D 151 5.62 4.92 24.74
N THR D 152 6.66 4.56 23.98
CA THR D 152 6.49 3.72 22.80
C THR D 152 6.42 2.25 23.21
N VAL D 153 5.51 1.52 22.60
CA VAL D 153 5.33 0.11 22.93
C VAL D 153 4.89 -0.68 21.72
N THR D 154 5.29 -1.95 21.68
CA THR D 154 4.88 -2.82 20.60
C THR D 154 4.00 -3.90 21.15
N LEU D 155 2.86 -4.09 20.51
CA LEU D 155 1.88 -5.08 20.93
C LEU D 155 1.61 -5.99 19.75
N GLY D 156 0.99 -7.14 20.01
CA GLY D 156 0.58 -7.99 18.90
C GLY D 156 -0.43 -9.05 19.26
N CYS D 157 -0.66 -9.95 18.31
CA CYS D 157 -1.48 -11.14 18.52
C CYS D 157 -0.77 -12.36 17.95
N LEU D 158 -0.82 -13.45 18.67
CA LEU D 158 -0.36 -14.73 18.17
C LEU D 158 -1.58 -15.44 17.67
N VAL D 159 -1.55 -15.87 16.41
CA VAL D 159 -2.68 -16.57 15.83
C VAL D 159 -2.28 -18.02 15.67
N LYS D 160 -2.75 -18.87 16.58
CA LYS D 160 -2.21 -20.21 16.72
C LYS D 160 -3.17 -21.34 16.31
N GLY D 161 -2.65 -22.27 15.50
CA GLY D 161 -3.33 -23.52 15.22
C GLY D 161 -4.54 -23.46 14.31
N TYR D 162 -4.37 -23.02 13.07
CA TYR D 162 -5.46 -23.01 12.11
C TYR D 162 -5.17 -23.89 10.89
N LEU D 163 -6.24 -24.21 10.18
CA LEU D 163 -6.18 -25.05 8.99
C LEU D 163 -7.51 -24.87 8.27
N PRO D 164 -7.46 -24.55 6.98
CA PRO D 164 -6.23 -24.35 6.23
C PRO D 164 -5.85 -22.88 6.25
N GLU D 165 -4.86 -22.51 5.47
CA GLU D 165 -4.55 -21.11 5.21
C GLU D 165 -5.64 -20.48 4.34
N PRO D 166 -5.74 -19.15 4.35
CA PRO D 166 -4.95 -18.24 5.18
C PRO D 166 -5.77 -17.65 6.33
N VAL D 167 -5.12 -16.90 7.21
CA VAL D 167 -5.84 -15.93 8.03
C VAL D 167 -5.38 -14.56 7.55
N THR D 168 -6.17 -13.53 7.83
CA THR D 168 -5.70 -12.15 7.68
C THR D 168 -5.81 -11.50 9.05
N VAL D 169 -4.94 -10.54 9.31
CA VAL D 169 -4.97 -9.77 10.55
C VAL D 169 -5.01 -8.30 10.22
N THR D 170 -5.97 -7.57 10.79
CA THR D 170 -5.90 -6.11 10.76
C THR D 170 -5.86 -5.56 12.19
N TRP D 171 -5.63 -4.26 12.31
CA TRP D 171 -5.58 -3.64 13.62
C TRP D 171 -6.55 -2.47 13.66
N ASN D 172 -7.39 -2.45 14.70
CA ASN D 172 -8.44 -1.43 14.81
C ASN D 172 -9.23 -1.32 13.52
N SER D 173 -9.70 -2.46 13.02
CA SER D 173 -10.54 -2.52 11.83
C SER D 173 -9.89 -1.86 10.62
N GLY D 174 -8.57 -1.75 10.64
CA GLY D 174 -7.87 -1.26 9.46
C GLY D 174 -7.47 0.20 9.54
N THR D 175 -7.87 0.89 10.60
CA THR D 175 -7.50 2.28 10.78
C THR D 175 -6.07 2.42 11.30
N LEU D 176 -5.53 1.32 11.82
CA LEU D 176 -4.15 1.30 12.28
C LEU D 176 -3.32 0.44 11.33
N THR D 177 -2.50 1.10 10.50
CA THR D 177 -1.68 0.41 9.51
C THR D 177 -0.19 0.68 9.69
N ASN D 178 0.17 1.90 10.11
CA ASN D 178 1.58 2.25 10.32
C ASN D 178 2.22 1.34 11.35
N GLY D 179 3.43 0.87 11.05
CA GLY D 179 4.20 0.11 12.02
C GLY D 179 3.64 -1.27 12.30
N VAL D 180 2.85 -1.79 11.37
CA VAL D 180 2.31 -3.14 11.49
C VAL D 180 3.20 -4.16 10.79
N ARG D 181 3.64 -5.18 11.52
CA ARG D 181 4.38 -6.28 10.90
C ARG D 181 3.69 -7.61 11.16
N THR D 182 3.29 -8.28 10.08
CA THR D 182 2.70 -9.60 10.17
C THR D 182 3.69 -10.59 9.54
N PHE D 183 4.10 -11.61 10.30
CA PHE D 183 5.08 -12.57 9.80
C PHE D 183 4.42 -13.67 8.98
N PRO D 184 5.20 -14.32 8.10
CA PRO D 184 4.65 -15.43 7.33
C PRO D 184 4.23 -16.55 8.25
N SER D 185 3.25 -17.33 7.83
CA SER D 185 2.78 -18.47 8.60
C SER D 185 3.84 -19.58 8.65
N VAL D 186 3.77 -20.38 9.70
CA VAL D 186 4.61 -21.54 9.84
C VAL D 186 3.71 -22.74 10.09
N ARG D 187 3.98 -23.86 9.40
CA ARG D 187 3.27 -25.11 9.64
C ARG D 187 3.97 -25.86 10.75
N GLN D 188 3.26 -26.12 11.83
CA GLN D 188 3.82 -26.85 12.95
C GLN D 188 3.73 -28.34 12.62
N SER D 189 4.32 -29.19 13.47
CA SER D 189 4.36 -30.61 13.20
C SER D 189 2.96 -31.24 13.23
N SER D 190 2.06 -30.61 13.97
CA SER D 190 0.67 -31.08 14.00
C SER D 190 0.03 -30.89 12.64
N GLY D 191 0.69 -30.12 11.78
CA GLY D 191 0.13 -29.79 10.48
C GLY D 191 -0.73 -28.56 10.55
N LEU D 192 -0.82 -27.95 11.74
CA LEU D 192 -1.55 -26.71 11.90
C LEU D 192 -0.63 -25.51 11.69
N TYR D 193 -1.19 -24.40 11.21
CA TYR D 193 -0.42 -23.19 10.97
C TYR D 193 -0.52 -22.22 12.13
N SER D 194 0.49 -21.35 12.26
CA SER D 194 0.47 -20.22 13.20
C SER D 194 1.17 -19.02 12.58
N LEU D 195 0.83 -17.84 13.09
CA LEU D 195 1.55 -16.63 12.74
C LEU D 195 1.28 -15.53 13.75
N SER D 196 2.21 -14.61 13.88
CA SER D 196 1.98 -13.47 14.73
C SER D 196 1.93 -12.20 13.89
N SER D 197 1.38 -11.16 14.47
CA SER D 197 1.36 -9.83 13.88
C SER D 197 1.58 -8.82 15.01
N VAL D 198 2.46 -7.85 14.80
CA VAL D 198 2.72 -6.85 15.83
C VAL D 198 2.57 -5.45 15.29
N VAL D 199 2.27 -4.53 16.21
CA VAL D 199 2.14 -3.14 15.83
C VAL D 199 2.85 -2.27 16.84
N SER D 200 3.53 -1.24 16.36
CA SER D 200 4.18 -0.31 17.27
C SER D 200 3.27 0.90 17.42
N VAL D 201 2.88 1.18 18.66
CA VAL D 201 2.05 2.35 18.94
C VAL D 201 2.80 3.29 19.87
N THR D 202 2.30 4.51 19.96
CA THR D 202 2.96 5.54 20.77
C THR D 202 2.18 5.81 22.04
N SER D 203 1.05 5.11 22.20
CA SER D 203 0.25 5.27 23.40
C SER D 203 0.28 4.04 24.29
N SER D 204 1.12 4.07 25.32
CA SER D 204 1.20 2.98 26.28
C SER D 204 -0.13 2.83 27.02
N SER D 205 -1.08 3.68 26.68
CA SER D 205 -2.39 3.67 27.34
C SER D 205 -3.43 2.93 26.51
N GLN D 206 -4.08 3.67 25.62
CA GLN D 206 -5.18 3.16 24.82
C GLN D 206 -4.90 1.79 24.18
N PRO D 207 -5.78 0.80 24.44
CA PRO D 207 -5.63 -0.54 23.86
C PRO D 207 -5.91 -0.56 22.36
N VAL D 208 -5.33 -1.55 21.71
CA VAL D 208 -5.48 -1.74 20.29
C VAL D 208 -6.14 -3.10 20.13
N THR D 209 -6.86 -3.29 19.03
CA THR D 209 -7.57 -4.54 18.80
C THR D 209 -7.12 -5.20 17.52
N CYS D 210 -6.67 -6.45 17.59
CA CYS D 210 -6.41 -7.17 16.35
C CYS D 210 -7.68 -7.85 15.88
N ASN D 211 -7.92 -7.78 14.57
CA ASN D 211 -9.06 -8.44 13.97
C ASN D 211 -8.53 -9.55 13.08
N VAL D 212 -8.81 -10.78 13.49
CA VAL D 212 -8.29 -11.95 12.82
C VAL D 212 -9.43 -12.58 12.03
N ALA D 213 -9.24 -12.79 10.74
CA ALA D 213 -10.26 -13.49 9.96
C ALA D 213 -9.75 -14.83 9.46
N HIS D 214 -10.58 -15.87 9.59
CA HIS D 214 -10.26 -17.19 9.04
C HIS D 214 -11.42 -17.67 8.15
N PRO D 215 -11.46 -17.19 6.90
CA PRO D 215 -12.61 -17.43 6.01
C PRO D 215 -12.97 -18.90 5.91
N ALA D 216 -11.99 -19.78 5.95
CA ALA D 216 -12.24 -21.20 5.75
C ALA D 216 -13.14 -21.86 6.79
N THR D 217 -13.22 -21.25 7.97
CA THR D 217 -14.14 -21.71 9.00
C THR D 217 -15.17 -20.64 9.32
N ASN D 218 -15.28 -19.63 8.48
CA ASN D 218 -16.22 -18.54 8.74
C ASN D 218 -16.09 -17.96 10.14
N THR D 219 -14.87 -17.74 10.58
CA THR D 219 -14.61 -17.23 11.91
C THR D 219 -13.92 -15.89 11.83
N LYS D 220 -14.32 -14.97 12.71
CA LYS D 220 -13.57 -13.74 12.92
C LYS D 220 -13.34 -13.65 14.40
N VAL D 221 -12.13 -13.28 14.82
CA VAL D 221 -11.81 -13.12 16.23
C VAL D 221 -11.25 -11.73 16.46
N ASP D 222 -11.87 -10.97 17.36
CA ASP D 222 -11.34 -9.69 17.81
C ASP D 222 -10.67 -9.86 19.16
N LYS D 223 -9.40 -9.54 19.24
CA LYS D 223 -8.67 -9.62 20.49
C LYS D 223 -8.20 -8.21 20.87
N THR D 224 -8.58 -7.74 22.06
CA THR D 224 -8.18 -6.41 22.49
C THR D 224 -6.98 -6.54 23.39
N VAL D 225 -5.92 -5.82 23.05
CA VAL D 225 -4.64 -5.97 23.72
C VAL D 225 -4.30 -4.67 24.46
N ALA D 226 -3.89 -4.79 25.71
CA ALA D 226 -3.37 -3.63 26.43
C ALA D 226 -2.05 -4.00 27.08
N PRO D 227 -1.13 -3.03 27.17
CA PRO D 227 0.23 -3.16 27.71
C PRO D 227 0.30 -3.88 29.06
#